data_8UVM
#
_entry.id   8UVM
#
_cell.length_a   190.997
_cell.length_b   190.997
_cell.length_c   112.926
_cell.angle_alpha   90.000
_cell.angle_beta   90.000
_cell.angle_gamma   120.000
#
_symmetry.space_group_name_H-M   'P 3 2 1'
#
loop_
_entity.id
_entity.type
_entity.pdbx_description
1 polymer 'Papain-like protease nsp3'
2 non-polymer 'ethyl 4-oxo-4-(2-{3-[2-({(1S)-1-[(3P)-3-(thiophen-3-yl)phenyl]ethyl}carbamoyl)phenyl]propanoyl}hydrazinyl)butanoate'
3 non-polymer 'SULFATE ION'
4 non-polymer 'CHLORIDE ION'
5 non-polymer 'ZINC ION'
6 water water
#
_entity_poly.entity_id   1
_entity_poly.type   'polypeptide(L)'
_entity_poly.pdbx_seq_one_letter_code
;SNAEVRTIKVFTTVDNINLHTQVVDMSMTYGQQFGPTYLDGADVTKIKPHNSHEGKTFYVLPNDDTLRVEAFEYYHTTDP
SFLGRYMSALNHTKKWKYPQVNGLTSIKWADNNCYLATALLTLQQIELKFNPPALQDAYYRARAGEAANFCALILAYCNK
TVGELGDVRETMSYLFQHANLDSCKRVLNVVCKTCGQQQTTLKGVEAVMYMGTLSYEQFKKGVQIPCTCGKQATKYLVQQ
ESPFVMMSAPPAQYELKHGTFTCASEYTGNYQCGHYKHITSKETLYCIDGALLTKSSEYKGPITDVFYKENSYTTTIK
;
_entity_poly.pdbx_strand_id   A,B,C,D
#
# COMPACT_ATOMS: atom_id res chain seq x y z
N VAL A 5 -3.96 20.90 27.77
CA VAL A 5 -3.06 21.73 26.98
C VAL A 5 -3.76 22.19 25.71
N ARG A 6 -3.62 23.48 25.40
CA ARG A 6 -4.22 24.01 24.18
C ARG A 6 -3.50 23.47 22.96
N THR A 7 -4.26 22.88 22.04
CA THR A 7 -3.71 22.29 20.83
C THR A 7 -4.49 22.78 19.61
N ILE A 8 -3.95 22.48 18.43
CA ILE A 8 -4.56 22.84 17.17
C ILE A 8 -4.39 21.67 16.20
N LYS A 9 -5.11 21.75 15.07
CA LYS A 9 -5.06 20.72 14.04
C LYS A 9 -4.61 21.35 12.74
N VAL A 10 -3.53 20.84 12.17
CA VAL A 10 -3.02 21.33 10.90
C VAL A 10 -2.96 20.17 9.90
N PHE A 11 -2.59 20.46 8.66
CA PHE A 11 -2.43 19.44 7.63
C PHE A 11 -0.98 19.36 7.22
N THR A 12 -0.41 18.16 7.24
CA THR A 12 0.93 17.91 6.78
C THR A 12 0.88 17.12 5.48
N THR A 13 1.81 17.42 4.57
CA THR A 13 1.81 16.77 3.27
C THR A 13 3.21 16.86 2.67
N VAL A 14 3.41 16.10 1.60
CA VAL A 14 4.63 16.20 0.79
C VAL A 14 4.34 16.54 -0.66
N ASP A 15 3.07 16.49 -1.09
CA ASP A 15 2.71 16.78 -2.47
C ASP A 15 1.54 17.75 -2.61
N ASN A 16 0.99 18.24 -1.50
CA ASN A 16 -0.11 19.20 -1.42
C ASN A 16 -1.44 18.63 -1.95
N ILE A 17 -1.47 17.37 -2.37
CA ILE A 17 -2.71 16.74 -2.81
C ILE A 17 -3.15 15.62 -1.88
N ASN A 18 -2.24 15.05 -1.08
CA ASN A 18 -2.57 14.04 -0.09
C ASN A 18 -2.25 14.62 1.29
N LEU A 19 -3.29 15.11 1.97
CA LEU A 19 -3.12 15.80 3.24
C LEU A 19 -3.35 14.84 4.40
N HIS A 20 -2.55 15.00 5.46
CA HIS A 20 -2.63 14.16 6.64
C HIS A 20 -2.92 15.04 7.85
N THR A 21 -4.08 14.84 8.47
CA THR A 21 -4.46 15.65 9.61
C THR A 21 -3.62 15.30 10.82
N GLN A 22 -3.00 16.30 11.43
CA GLN A 22 -2.14 16.14 12.58
C GLN A 22 -2.50 17.16 13.65
N VAL A 23 -2.45 16.74 14.91
CA VAL A 23 -2.64 17.67 16.02
C VAL A 23 -1.27 18.20 16.42
N VAL A 24 -1.22 19.48 16.80
CA VAL A 24 0.03 20.15 17.13
C VAL A 24 -0.05 20.67 18.56
N ASP A 25 1.05 20.53 19.30
CA ASP A 25 1.18 21.07 20.64
C ASP A 25 1.71 22.50 20.53
N MET A 26 0.92 23.46 21.00
CA MET A 26 1.30 24.87 20.86
C MET A 26 2.48 25.26 21.73
N SER A 27 3.04 24.33 22.50
CA SER A 27 4.22 24.58 23.30
C SER A 27 5.45 23.87 22.75
N MET A 28 5.37 23.30 21.56
CA MET A 28 6.48 22.61 20.91
C MET A 28 6.60 23.11 19.49
N THR A 29 7.81 23.48 19.09
CA THR A 29 8.03 23.95 17.72
C THR A 29 7.72 22.86 16.71
N TYR A 30 7.49 23.28 15.46
CA TYR A 30 7.20 22.31 14.41
C TYR A 30 8.39 21.38 14.15
N GLY A 31 9.60 21.82 14.47
CA GLY A 31 10.77 20.98 14.30
C GLY A 31 10.86 19.84 15.29
N GLN A 32 10.21 19.97 16.45
CA GLN A 32 10.19 18.90 17.45
C GLN A 32 9.10 17.87 17.19
N GLN A 33 8.05 18.24 16.47
CA GLN A 33 6.92 17.35 16.24
C GLN A 33 6.95 16.67 14.87
N PHE A 34 7.35 17.39 13.82
CA PHE A 34 7.43 16.81 12.49
C PHE A 34 8.80 17.00 11.83
N GLY A 35 9.74 17.65 12.50
CA GLY A 35 11.02 17.95 11.89
C GLY A 35 10.96 19.20 11.04
N PRO A 36 11.79 19.25 9.99
CA PRO A 36 11.76 20.42 9.09
C PRO A 36 10.39 20.64 8.47
N THR A 37 9.75 21.74 8.84
CA THR A 37 8.40 22.06 8.41
C THR A 37 8.41 23.38 7.63
N TYR A 38 7.53 23.47 6.63
CA TYR A 38 7.44 24.65 5.79
C TYR A 38 5.98 25.02 5.59
N LEU A 39 5.71 26.33 5.54
CA LEU A 39 4.36 26.86 5.32
C LEU A 39 4.44 27.81 4.13
N ASP A 40 3.97 27.35 2.97
CA ASP A 40 4.00 28.13 1.73
C ASP A 40 5.43 28.59 1.41
N GLY A 41 6.39 27.70 1.67
CA GLY A 41 7.78 27.98 1.44
C GLY A 41 8.52 28.56 2.63
N ALA A 42 7.81 29.11 3.61
CA ALA A 42 8.45 29.70 4.78
C ALA A 42 8.85 28.61 5.76
N ASP A 43 10.14 28.53 6.08
CA ASP A 43 10.65 27.53 7.00
C ASP A 43 10.15 27.86 8.42
N VAL A 44 9.23 27.04 8.92
CA VAL A 44 8.64 27.26 10.24
C VAL A 44 9.13 26.17 11.19
N THR A 45 10.35 25.68 10.96
CA THR A 45 10.89 24.60 11.80
C THR A 45 11.05 25.04 13.24
N LYS A 46 11.72 26.17 13.46
CA LYS A 46 11.98 26.70 14.80
C LYS A 46 10.94 27.74 15.21
N ILE A 47 9.66 27.43 14.97
CA ILE A 47 8.56 28.33 15.28
C ILE A 47 7.48 27.53 15.99
N LYS A 48 7.02 28.03 17.13
CA LYS A 48 5.93 27.40 17.84
C LYS A 48 4.60 27.69 17.14
N PRO A 49 3.66 26.75 17.17
CA PRO A 49 2.42 26.92 16.40
C PRO A 49 1.61 28.13 16.85
N HIS A 50 1.01 28.80 15.90
CA HIS A 50 0.14 29.96 16.16
C HIS A 50 -1.32 29.55 16.04
N ASN A 51 -2.20 30.41 16.56
CA ASN A 51 -3.63 30.16 16.44
C ASN A 51 -4.11 30.35 15.01
N SER A 52 -3.41 31.16 14.22
CA SER A 52 -3.76 31.37 12.82
C SER A 52 -3.37 30.20 11.94
N HIS A 53 -2.58 29.25 12.44
CA HIS A 53 -2.17 28.08 11.68
C HIS A 53 -3.22 26.98 11.67
N GLU A 54 -4.40 27.22 12.23
CA GLU A 54 -5.44 26.20 12.29
C GLU A 54 -5.96 25.89 10.90
N GLY A 55 -5.90 24.61 10.51
CA GLY A 55 -6.43 24.17 9.24
C GLY A 55 -5.52 24.41 8.04
N LYS A 56 -4.34 25.01 8.24
CA LYS A 56 -3.46 25.27 7.13
C LYS A 56 -2.65 24.03 6.77
N THR A 57 -2.07 24.05 5.58
CA THR A 57 -1.30 22.93 5.05
C THR A 57 0.19 23.23 5.19
N PHE A 58 0.92 22.31 5.81
CA PHE A 58 2.35 22.47 6.04
C PHE A 58 3.12 21.37 5.30
N TYR A 59 4.20 21.76 4.63
CA TYR A 59 5.07 20.80 3.96
C TYR A 59 6.05 20.20 4.96
N VAL A 60 6.20 18.89 4.92
CA VAL A 60 7.13 18.17 5.78
C VAL A 60 8.02 17.29 4.91
N LEU A 61 9.04 16.70 5.53
CA LEU A 61 9.93 15.83 4.78
C LEU A 61 9.44 14.38 4.84
N PRO A 62 9.67 13.61 3.78
CA PRO A 62 9.28 12.19 3.79
C PRO A 62 10.11 11.38 4.78
N ASN A 63 9.57 11.14 5.97
CA ASN A 63 10.30 10.43 7.02
C ASN A 63 9.98 8.94 7.08
N ASP A 64 8.78 8.54 6.69
CA ASP A 64 8.39 7.13 6.68
C ASP A 64 8.32 6.64 5.24
N ASP A 65 8.04 5.33 5.09
CA ASP A 65 7.99 4.74 3.76
C ASP A 65 6.74 5.15 3.00
N THR A 66 5.68 5.51 3.70
CA THR A 66 4.45 5.94 3.01
C THR A 66 4.66 7.28 2.32
N LEU A 67 5.33 8.22 2.98
CA LEU A 67 5.57 9.52 2.37
C LEU A 67 6.64 9.45 1.29
N ARG A 68 7.60 8.52 1.41
CA ARG A 68 8.59 8.35 0.36
C ARG A 68 7.96 7.86 -0.93
N VAL A 69 6.88 7.09 -0.84
CA VAL A 69 6.17 6.66 -2.03
C VAL A 69 5.30 7.79 -2.56
N GLU A 70 4.67 8.54 -1.66
CA GLU A 70 3.88 9.70 -2.09
C GLU A 70 4.76 10.74 -2.79
N ALA A 71 5.98 10.94 -2.28
CA ALA A 71 6.85 11.94 -2.86
C ALA A 71 7.34 11.52 -4.24
N PHE A 72 7.65 10.24 -4.42
CA PHE A 72 8.17 9.79 -5.71
C PHE A 72 7.08 9.77 -6.77
N GLU A 73 5.85 9.42 -6.39
CA GLU A 73 4.76 9.39 -7.36
C GLU A 73 4.44 10.77 -7.90
N TYR A 74 4.82 11.84 -7.18
CA TYR A 74 4.52 13.20 -7.59
C TYR A 74 5.73 13.91 -8.20
N TYR A 75 6.90 13.79 -7.58
CA TYR A 75 8.09 14.49 -8.06
C TYR A 75 9.03 13.60 -8.87
N HIS A 76 8.87 12.28 -8.80
CA HIS A 76 9.74 11.33 -9.51
C HIS A 76 11.20 11.52 -9.11
N THR A 77 11.45 11.66 -7.81
CA THR A 77 12.81 11.82 -7.30
C THR A 77 12.89 11.22 -5.91
N THR A 78 14.07 10.69 -5.57
CA THR A 78 14.34 10.14 -4.25
C THR A 78 15.28 11.02 -3.44
N ASP A 79 15.52 12.24 -3.88
CA ASP A 79 16.43 13.13 -3.18
C ASP A 79 15.79 13.64 -1.90
N PRO A 80 16.38 13.37 -0.73
CA PRO A 80 15.75 13.83 0.53
C PRO A 80 15.74 15.34 0.67
N SER A 81 16.67 16.05 0.04
CA SER A 81 16.76 17.50 0.13
C SER A 81 15.93 18.21 -0.94
N PHE A 82 15.13 17.47 -1.70
CA PHE A 82 14.37 18.09 -2.79
C PHE A 82 13.31 19.06 -2.25
N LEU A 83 12.47 18.58 -1.32
CA LEU A 83 11.43 19.43 -0.77
C LEU A 83 12.01 20.62 -0.02
N GLY A 84 13.16 20.43 0.65
CA GLY A 84 13.82 21.54 1.30
C GLY A 84 14.29 22.60 0.31
N ARG A 85 14.89 22.17 -0.80
CA ARG A 85 15.30 23.11 -1.83
C ARG A 85 14.10 23.65 -2.61
N TYR A 86 13.05 22.84 -2.78
CA TYR A 86 11.86 23.31 -3.47
C TYR A 86 11.12 24.33 -2.63
N MET A 87 10.98 24.08 -1.32
CA MET A 87 10.32 25.06 -0.46
C MET A 87 11.15 26.33 -0.31
N SER A 88 12.48 26.21 -0.32
CA SER A 88 13.32 27.40 -0.22
C SER A 88 13.18 28.29 -1.46
N ALA A 89 13.18 27.69 -2.65
CA ALA A 89 12.98 28.46 -3.86
C ALA A 89 11.57 29.02 -3.96
N LEU A 90 10.58 28.28 -3.45
CA LEU A 90 9.20 28.77 -3.49
C LEU A 90 9.02 30.01 -2.62
N ASN A 91 9.83 30.15 -1.56
CA ASN A 91 9.72 31.33 -0.71
C ASN A 91 10.08 32.60 -1.46
N HIS A 92 10.97 32.50 -2.46
CA HIS A 92 11.34 33.65 -3.26
C HIS A 92 10.48 33.79 -4.51
N THR A 93 10.17 32.68 -5.18
CA THR A 93 9.40 32.74 -6.42
C THR A 93 7.95 33.13 -6.18
N LYS A 94 7.42 32.95 -4.97
CA LYS A 94 6.05 33.37 -4.69
C LYS A 94 5.92 34.88 -4.61
N LYS A 95 7.02 35.60 -4.39
CA LYS A 95 7.02 37.05 -4.37
C LYS A 95 7.36 37.67 -5.72
N TRP A 96 7.68 36.84 -6.72
CA TRP A 96 7.99 37.36 -8.05
C TRP A 96 6.70 37.75 -8.78
N LYS A 97 6.86 38.59 -9.80
CA LYS A 97 5.77 39.00 -10.66
C LYS A 97 5.87 38.26 -11.99
N TYR A 98 4.76 37.73 -12.46
CA TYR A 98 4.71 36.93 -13.69
C TYR A 98 3.74 37.60 -14.67
N PRO A 99 4.18 38.63 -15.37
CA PRO A 99 3.30 39.32 -16.33
C PRO A 99 3.13 38.51 -17.60
N GLN A 100 2.13 38.91 -18.38
CA GLN A 100 1.79 38.26 -19.64
C GLN A 100 2.26 39.17 -20.77
N VAL A 101 3.40 38.83 -21.37
CA VAL A 101 3.99 39.59 -22.46
C VAL A 101 3.87 38.78 -23.74
N ASN A 102 3.24 39.36 -24.76
CA ASN A 102 3.03 38.71 -26.05
C ASN A 102 2.31 37.38 -25.90
N GLY A 103 1.33 37.34 -25.00
CA GLY A 103 0.58 36.13 -24.74
C GLY A 103 1.33 35.05 -23.99
N LEU A 104 2.58 35.29 -23.62
CA LEU A 104 3.39 34.32 -22.89
C LEU A 104 3.63 34.80 -21.47
N THR A 105 3.83 33.84 -20.56
CA THR A 105 4.08 34.14 -19.15
C THR A 105 5.58 34.26 -18.95
N SER A 106 6.04 35.47 -18.66
CA SER A 106 7.44 35.73 -18.32
C SER A 106 7.54 36.14 -16.86
N ILE A 107 8.76 36.41 -16.42
CA ILE A 107 9.04 36.77 -15.03
C ILE A 107 9.65 38.17 -15.01
N LYS A 108 9.07 39.05 -14.19
CA LYS A 108 9.72 40.32 -13.93
C LYS A 108 11.04 40.07 -13.21
N TRP A 109 12.04 40.89 -13.53
CA TRP A 109 13.40 40.60 -13.06
C TRP A 109 13.46 40.63 -11.54
N ALA A 110 14.12 39.62 -10.97
CA ALA A 110 14.35 39.52 -9.53
C ALA A 110 15.37 38.44 -9.22
N ASP A 111 16.41 38.79 -8.48
CA ASP A 111 17.41 37.83 -8.00
C ASP A 111 18.11 37.12 -9.16
N ASN A 112 18.36 37.86 -10.24
CA ASN A 112 19.06 37.35 -11.42
C ASN A 112 18.34 36.13 -12.01
N ASN A 113 17.07 36.34 -12.35
CA ASN A 113 16.23 35.29 -12.92
C ASN A 113 16.12 35.40 -14.44
N CYS A 114 17.16 35.90 -15.10
CA CYS A 114 17.09 36.08 -16.55
C CYS A 114 17.05 34.73 -17.27
N TYR A 115 17.88 33.77 -16.84
CA TYR A 115 17.88 32.46 -17.50
C TYR A 115 16.59 31.69 -17.21
N LEU A 116 15.98 31.93 -16.05
CA LEU A 116 14.70 31.29 -15.75
C LEU A 116 13.58 31.86 -16.62
N ALA A 117 13.55 33.19 -16.79
CA ALA A 117 12.54 33.80 -17.65
C ALA A 117 12.72 33.36 -19.10
N THR A 118 13.96 33.35 -19.59
CA THR A 118 14.23 32.90 -20.95
C THR A 118 13.86 31.43 -21.13
N ALA A 119 14.02 30.61 -20.09
CA ALA A 119 13.64 29.20 -20.18
C ALA A 119 12.13 29.03 -20.14
N LEU A 120 11.45 29.81 -19.29
CA LEU A 120 10.00 29.71 -19.20
C LEU A 120 9.32 30.13 -20.50
N LEU A 121 9.88 31.14 -21.18
CA LEU A 121 9.31 31.59 -22.44
C LEU A 121 9.52 30.57 -23.55
N THR A 122 10.60 29.79 -23.49
CA THR A 122 10.85 28.78 -24.52
C THR A 122 9.95 27.57 -24.37
N LEU A 123 9.72 27.13 -23.13
CA LEU A 123 8.87 25.96 -22.90
C LEU A 123 7.45 26.20 -23.40
N GLN A 124 7.00 27.45 -23.40
CA GLN A 124 5.66 27.78 -23.88
C GLN A 124 5.58 27.87 -25.40
N GLN A 125 6.66 27.55 -26.11
CA GLN A 125 6.68 27.57 -27.57
C GLN A 125 7.08 26.23 -28.17
N ILE A 126 7.27 25.20 -27.35
CA ILE A 126 7.64 23.88 -27.82
C ILE A 126 6.64 22.86 -27.27
N GLU A 127 6.47 21.77 -28.01
CA GLU A 127 5.55 20.70 -27.62
C GLU A 127 6.32 19.74 -26.72
N LEU A 128 6.14 19.89 -25.40
CA LEU A 128 6.81 19.07 -24.41
C LEU A 128 5.80 18.56 -23.40
N LYS A 129 5.95 17.30 -22.99
CA LYS A 129 5.06 16.67 -22.03
C LYS A 129 5.90 16.14 -20.87
N PHE A 130 5.70 16.72 -19.68
CA PHE A 130 6.43 16.29 -18.50
C PHE A 130 5.82 15.01 -17.93
N ASN A 131 6.68 14.19 -17.33
CA ASN A 131 6.27 12.93 -16.72
C ASN A 131 5.91 13.09 -15.25
N PRO A 132 6.71 13.77 -14.43
CA PRO A 132 6.32 13.96 -13.02
C PRO A 132 5.05 14.79 -12.92
N PRO A 133 4.05 14.30 -12.18
CA PRO A 133 2.82 15.08 -12.01
C PRO A 133 3.05 16.45 -11.38
N ALA A 134 4.14 16.63 -10.64
CA ALA A 134 4.46 17.95 -10.09
C ALA A 134 4.72 18.96 -11.20
N LEU A 135 5.52 18.59 -12.19
CA LEU A 135 5.77 19.49 -13.31
C LEU A 135 4.55 19.67 -14.18
N GLN A 136 3.72 18.64 -14.32
CA GLN A 136 2.52 18.74 -15.14
C GLN A 136 1.54 19.76 -14.57
N ASP A 137 1.25 19.65 -13.28
CA ASP A 137 0.32 20.58 -12.64
C ASP A 137 0.89 22.00 -12.60
N ALA A 138 2.16 22.13 -12.24
CA ALA A 138 2.77 23.45 -12.12
C ALA A 138 2.84 24.14 -13.48
N TYR A 139 3.17 23.39 -14.53
CA TYR A 139 3.22 23.97 -15.87
C TYR A 139 1.83 24.38 -16.35
N TYR A 140 0.79 23.63 -15.93
CA TYR A 140 -0.57 23.99 -16.30
C TYR A 140 -0.99 25.31 -15.66
N ARG A 141 -0.51 25.59 -14.45
CA ARG A 141 -0.78 26.87 -13.81
C ARG A 141 0.21 27.96 -14.23
N ALA A 142 1.38 27.58 -14.72
CA ALA A 142 2.36 28.57 -15.18
C ALA A 142 1.87 29.30 -16.41
N ARG A 143 1.15 28.62 -17.31
CA ARG A 143 0.63 29.28 -18.49
C ARG A 143 -0.45 30.29 -18.15
N ALA A 144 -1.20 30.05 -17.08
CA ALA A 144 -2.25 30.97 -16.65
C ALA A 144 -1.71 32.12 -15.82
N GLY A 145 -0.43 32.14 -15.50
CA GLY A 145 0.18 33.20 -14.71
C GLY A 145 0.70 32.76 -13.36
N GLU A 146 0.20 31.65 -12.82
CA GLU A 146 0.65 31.14 -11.52
C GLU A 146 1.88 30.26 -11.76
N ALA A 147 3.02 30.92 -11.94
CA ALA A 147 4.28 30.23 -12.24
C ALA A 147 5.24 30.21 -11.05
N ALA A 148 4.76 30.51 -9.86
CA ALA A 148 5.65 30.51 -8.68
C ALA A 148 6.10 29.10 -8.34
N ASN A 149 5.14 28.18 -8.18
CA ASN A 149 5.50 26.80 -7.86
C ASN A 149 6.25 26.13 -9.00
N PHE A 150 5.99 26.54 -10.25
CA PHE A 150 6.68 25.94 -11.38
C PHE A 150 8.14 26.35 -11.42
N CYS A 151 8.42 27.65 -11.23
CA CYS A 151 9.81 28.12 -11.24
C CYS A 151 10.60 27.53 -10.07
N ALA A 152 9.95 27.33 -8.93
CA ALA A 152 10.63 26.73 -7.79
C ALA A 152 11.01 25.29 -8.08
N LEU A 153 10.16 24.56 -8.82
CA LEU A 153 10.48 23.18 -9.17
C LEU A 153 11.67 23.12 -10.13
N ILE A 154 11.78 24.10 -11.04
CA ILE A 154 12.89 24.13 -11.98
C ILE A 154 14.21 24.27 -11.22
N LEU A 155 14.25 25.16 -10.22
CA LEU A 155 15.46 25.33 -9.43
C LEU A 155 15.77 24.06 -8.63
N ALA A 156 14.74 23.38 -8.14
CA ALA A 156 14.97 22.17 -7.35
C ALA A 156 15.47 21.02 -8.22
N TYR A 157 14.89 20.87 -9.42
CA TYR A 157 15.33 19.80 -10.32
C TYR A 157 16.71 20.05 -10.90
N CYS A 158 17.18 21.30 -10.91
CA CYS A 158 18.48 21.65 -11.44
C CYS A 158 19.54 21.84 -10.37
N ASN A 159 19.20 21.66 -9.10
CA ASN A 159 20.11 21.90 -7.97
C ASN A 159 20.65 23.33 -8.01
N LYS A 160 19.79 24.27 -8.41
CA LYS A 160 20.11 25.69 -8.43
C LYS A 160 19.38 26.40 -7.30
N THR A 161 19.92 27.55 -6.90
CA THR A 161 19.38 28.34 -5.82
C THR A 161 19.01 29.73 -6.32
N VAL A 162 18.01 30.34 -5.66
CA VAL A 162 17.60 31.69 -6.01
C VAL A 162 18.79 32.63 -5.86
N GLY A 163 19.11 33.36 -6.93
CA GLY A 163 20.25 34.25 -6.96
C GLY A 163 21.47 33.67 -7.63
N GLU A 164 21.47 32.38 -7.97
CA GLU A 164 22.60 31.73 -8.62
C GLU A 164 22.43 31.79 -10.14
N LEU A 165 23.49 32.20 -10.82
CA LEU A 165 23.44 32.30 -12.27
C LEU A 165 23.42 30.91 -12.91
N GLY A 166 22.59 30.76 -13.94
CA GLY A 166 22.42 29.48 -14.59
C GLY A 166 22.44 29.62 -16.11
N ASP A 167 22.55 28.47 -16.76
CA ASP A 167 22.58 28.39 -18.22
C ASP A 167 21.23 27.90 -18.73
N VAL A 168 20.74 28.54 -19.80
CA VAL A 168 19.45 28.15 -20.37
C VAL A 168 19.55 26.76 -20.99
N ARG A 169 20.66 26.47 -21.67
CA ARG A 169 20.83 25.16 -22.30
C ARG A 169 20.91 24.05 -21.26
N GLU A 170 21.64 24.28 -20.17
CA GLU A 170 21.72 23.28 -19.10
C GLU A 170 20.38 23.11 -18.40
N THR A 171 19.61 24.20 -18.26
CA THR A 171 18.28 24.09 -17.67
C THR A 171 17.36 23.24 -18.53
N MET A 172 17.51 23.30 -19.85
CA MET A 172 16.67 22.50 -20.73
C MET A 172 17.00 21.01 -20.63
N SER A 173 18.29 20.67 -20.59
CA SER A 173 18.68 19.28 -20.50
C SER A 173 18.20 18.66 -19.20
N TYR A 174 18.19 19.44 -18.11
CA TYR A 174 17.65 18.95 -16.85
C TYR A 174 16.16 18.70 -16.95
N LEU A 175 15.41 19.59 -17.60
CA LEU A 175 13.97 19.43 -17.72
C LEU A 175 13.60 18.41 -18.79
N PHE A 176 14.43 18.24 -19.81
CA PHE A 176 14.13 17.26 -20.85
C PHE A 176 14.26 15.83 -20.32
N GLN A 177 15.08 15.63 -19.28
CA GLN A 177 15.18 14.31 -18.65
C GLN A 177 13.88 13.89 -17.99
N HIS A 178 13.03 14.85 -17.59
CA HIS A 178 11.73 14.56 -17.01
C HIS A 178 10.60 14.74 -18.00
N ALA A 179 10.90 14.74 -19.30
CA ALA A 179 9.91 14.86 -20.35
C ALA A 179 9.76 13.52 -21.08
N ASN A 180 8.69 13.42 -21.86
CA ASN A 180 8.41 12.21 -22.63
C ASN A 180 8.90 12.38 -24.06
N LEU A 181 10.23 12.38 -24.20
CA LEU A 181 10.89 12.47 -25.49
C LEU A 181 11.36 11.11 -26.01
N ASP A 182 10.77 10.03 -25.51
CA ASP A 182 11.19 8.69 -25.93
C ASP A 182 10.88 8.44 -27.40
N SER A 183 9.80 9.01 -27.92
CA SER A 183 9.46 8.80 -29.33
C SER A 183 10.38 9.57 -30.27
N CYS A 184 11.13 10.53 -29.77
CA CYS A 184 12.03 11.31 -30.61
C CYS A 184 13.19 10.45 -31.09
N LYS A 185 13.55 10.61 -32.36
CA LYS A 185 14.65 9.87 -32.95
C LYS A 185 15.35 10.74 -33.98
N ARG A 186 16.67 10.60 -34.06
CA ARG A 186 17.49 11.37 -34.99
C ARG A 186 18.51 10.44 -35.64
N VAL A 187 18.65 10.56 -36.96
CA VAL A 187 19.62 9.78 -37.72
C VAL A 187 20.68 10.74 -38.27
N LEU A 188 21.94 10.41 -38.04
CA LEU A 188 23.06 11.23 -38.50
C LEU A 188 24.05 10.38 -39.28
N ASN A 189 24.76 11.03 -40.20
CA ASN A 189 25.77 10.38 -41.02
C ASN A 189 27.00 11.28 -41.07
N VAL A 190 28.13 10.75 -40.61
CA VAL A 190 29.42 11.43 -40.70
C VAL A 190 30.24 10.73 -41.77
N VAL A 191 30.71 11.49 -42.75
CA VAL A 191 31.43 10.97 -43.90
C VAL A 191 32.84 11.55 -43.90
N CYS A 192 33.83 10.69 -44.12
CA CYS A 192 35.23 11.10 -44.17
C CYS A 192 35.89 10.50 -45.39
N LYS A 193 36.73 11.30 -46.05
CA LYS A 193 37.39 10.86 -47.27
C LYS A 193 38.37 9.73 -47.00
N THR A 194 39.00 9.73 -45.82
CA THR A 194 40.05 8.75 -45.52
C THR A 194 39.46 7.47 -44.93
N CYS A 195 38.90 7.55 -43.72
CA CYS A 195 38.43 6.33 -43.05
C CYS A 195 37.11 5.82 -43.63
N GLY A 196 36.23 6.71 -44.09
CA GLY A 196 35.02 6.26 -44.75
C GLY A 196 33.74 6.90 -44.26
N GLN A 197 32.65 6.14 -44.29
CA GLN A 197 31.31 6.61 -43.95
C GLN A 197 30.72 5.76 -42.84
N GLN A 198 30.02 6.40 -41.92
CA GLN A 198 29.38 5.70 -40.82
C GLN A 198 28.12 6.45 -40.41
N GLN A 199 27.04 5.72 -40.19
CA GLN A 199 25.74 6.29 -39.81
C GLN A 199 25.47 5.99 -38.35
N THR A 200 25.08 7.03 -37.60
CA THR A 200 24.71 6.90 -36.20
C THR A 200 23.26 7.31 -36.01
N THR A 201 22.62 6.75 -34.99
CA THR A 201 21.22 7.01 -34.71
C THR A 201 21.05 7.37 -33.24
N LEU A 202 20.44 8.52 -32.99
CA LEU A 202 20.20 9.01 -31.63
C LEU A 202 18.70 8.96 -31.33
N LYS A 203 18.39 8.79 -30.04
CA LYS A 203 17.00 8.73 -29.58
C LYS A 203 16.88 9.41 -28.23
N GLY A 204 15.70 9.96 -27.96
CA GLY A 204 15.44 10.60 -26.69
C GLY A 204 15.90 12.04 -26.60
N VAL A 205 16.52 12.40 -25.48
CA VAL A 205 16.97 13.78 -25.28
C VAL A 205 18.09 14.12 -26.24
N GLU A 206 18.98 13.16 -26.52
CA GLU A 206 20.08 13.40 -27.44
C GLU A 206 19.60 13.64 -28.86
N ALA A 207 18.43 13.12 -29.24
CA ALA A 207 17.87 13.33 -30.56
C ALA A 207 17.21 14.69 -30.72
N VAL A 208 17.19 15.51 -29.68
CA VAL A 208 16.55 16.81 -29.72
C VAL A 208 17.58 17.95 -29.71
N MET A 209 18.60 17.85 -28.86
CA MET A 209 19.59 18.89 -28.71
C MET A 209 20.84 18.59 -29.53
N TYR A 210 21.59 19.65 -29.85
CA TYR A 210 22.85 19.53 -30.55
C TYR A 210 23.69 20.77 -30.23
N MET A 211 25.00 20.56 -30.05
CA MET A 211 25.93 21.62 -29.72
C MET A 211 26.96 21.74 -30.82
N GLY A 212 27.01 22.89 -31.48
CA GLY A 212 27.98 23.13 -32.53
C GLY A 212 27.53 24.14 -33.56
N THR A 213 26.25 24.12 -33.91
CA THR A 213 25.72 25.01 -34.94
C THR A 213 24.35 25.52 -34.49
N LEU A 214 24.04 26.75 -34.92
CA LEU A 214 22.75 27.38 -34.63
C LEU A 214 21.77 27.27 -35.79
N SER A 215 22.23 26.90 -36.98
CA SER A 215 21.39 26.84 -38.17
C SER A 215 20.90 25.41 -38.36
N TYR A 216 19.57 25.23 -38.37
CA TYR A 216 19.01 23.92 -38.67
C TYR A 216 19.24 23.54 -40.12
N GLU A 217 19.21 24.53 -41.03
CA GLU A 217 19.42 24.23 -42.45
C GLU A 217 20.86 23.79 -42.71
N GLN A 218 21.83 24.43 -42.05
CA GLN A 218 23.22 24.02 -42.20
C GLN A 218 23.45 22.64 -41.59
N PHE A 219 22.67 22.27 -40.58
CA PHE A 219 22.75 20.93 -40.03
C PHE A 219 22.32 19.88 -41.07
N LYS A 220 21.36 20.23 -41.93
CA LYS A 220 20.94 19.32 -42.98
C LYS A 220 21.95 19.27 -44.11
N LYS A 221 22.49 20.44 -44.52
CA LYS A 221 23.47 20.46 -45.60
C LYS A 221 24.79 19.86 -45.15
N GLY A 222 25.07 19.87 -43.85
CA GLY A 222 26.33 19.34 -43.34
C GLY A 222 27.17 20.36 -42.62
N VAL A 223 27.90 19.92 -41.60
CA VAL A 223 28.78 20.80 -40.84
C VAL A 223 30.11 20.09 -40.64
N GLN A 224 31.20 20.86 -40.66
CA GLN A 224 32.54 20.28 -40.50
C GLN A 224 32.77 19.86 -39.06
N ILE A 225 33.43 18.72 -38.89
CA ILE A 225 33.73 18.17 -37.57
C ILE A 225 35.07 17.46 -37.63
N PRO A 226 35.86 17.47 -36.54
CA PRO A 226 37.15 16.76 -36.56
C PRO A 226 37.00 15.26 -36.70
N CYS A 227 38.14 14.57 -36.81
CA CYS A 227 38.13 13.12 -37.00
C CYS A 227 39.38 12.54 -36.37
N THR A 228 39.35 11.23 -36.13
CA THR A 228 40.49 10.56 -35.49
C THR A 228 41.68 10.44 -36.44
N CYS A 229 41.44 10.37 -37.74
CA CYS A 229 42.51 10.28 -38.72
C CYS A 229 43.02 11.64 -39.18
N GLY A 230 42.51 12.73 -38.59
CA GLY A 230 43.03 14.05 -38.89
C GLY A 230 42.49 14.67 -40.17
N LYS A 231 41.18 14.62 -40.35
CA LYS A 231 40.53 15.22 -41.51
C LYS A 231 39.19 15.80 -41.11
N GLN A 232 38.86 16.96 -41.66
CA GLN A 232 37.60 17.62 -41.34
C GLN A 232 36.45 16.86 -41.96
N ALA A 233 35.81 16.00 -41.17
CA ALA A 233 34.66 15.25 -41.64
C ALA A 233 33.41 16.13 -41.65
N THR A 234 32.45 15.74 -42.50
CA THR A 234 31.20 16.47 -42.66
C THR A 234 30.06 15.61 -42.12
N LYS A 235 29.33 16.16 -41.14
CA LYS A 235 28.17 15.51 -40.55
C LYS A 235 26.90 16.22 -40.99
N TYR A 236 25.98 15.47 -41.59
CA TYR A 236 24.71 16.02 -42.04
C TYR A 236 23.56 15.22 -41.47
N LEU A 237 22.43 15.91 -41.24
CA LEU A 237 21.26 15.28 -40.65
C LEU A 237 20.54 14.45 -41.72
N VAL A 238 20.44 13.14 -41.49
CA VAL A 238 19.76 12.27 -42.43
C VAL A 238 18.26 12.27 -42.18
N GLN A 239 17.85 11.96 -40.95
CA GLN A 239 16.43 11.90 -40.60
C GLN A 239 16.23 12.42 -39.19
N GLN A 240 15.09 13.08 -38.97
CA GLN A 240 14.77 13.70 -37.68
C GLN A 240 13.29 13.54 -37.42
N GLU A 241 12.95 12.83 -36.34
CA GLU A 241 11.58 12.69 -35.87
C GLU A 241 11.49 13.31 -34.48
N SER A 242 10.95 14.52 -34.40
CA SER A 242 10.78 15.22 -33.13
C SER A 242 9.83 16.40 -33.31
N PRO A 243 9.06 16.76 -32.28
CA PRO A 243 8.21 17.95 -32.40
C PRO A 243 8.98 19.26 -32.44
N PHE A 244 10.27 19.24 -32.08
CA PHE A 244 11.09 20.44 -32.09
C PHE A 244 12.55 20.04 -32.06
N VAL A 245 13.41 20.95 -32.50
CA VAL A 245 14.86 20.74 -32.51
C VAL A 245 15.51 21.92 -31.80
N MET A 246 16.57 21.62 -31.04
CA MET A 246 17.31 22.64 -30.29
C MET A 246 18.73 22.70 -30.82
N MET A 247 19.10 23.84 -31.41
CA MET A 247 20.43 24.07 -31.94
C MET A 247 21.17 25.04 -31.02
N SER A 248 22.33 24.61 -30.53
CA SER A 248 23.10 25.39 -29.58
C SER A 248 24.53 25.58 -30.07
N ALA A 249 25.15 26.66 -29.62
CA ALA A 249 26.52 27.01 -29.99
C ALA A 249 27.00 28.11 -29.04
N PRO A 250 28.31 28.30 -28.92
CA PRO A 250 28.82 29.42 -28.13
C PRO A 250 28.29 30.74 -28.64
N PRO A 251 27.99 31.69 -27.75
CA PRO A 251 27.33 32.93 -28.17
C PRO A 251 28.16 33.77 -29.12
N ALA A 252 27.69 33.87 -30.37
CA ALA A 252 28.34 34.68 -31.39
C ALA A 252 27.28 35.52 -32.10
N GLN A 253 27.73 36.45 -32.93
CA GLN A 253 26.82 37.33 -33.64
C GLN A 253 26.05 36.54 -34.69
N TYR A 254 24.73 36.55 -34.59
CA TYR A 254 23.86 35.73 -35.44
C TYR A 254 22.69 36.57 -35.90
N GLU A 255 22.21 36.28 -37.11
CA GLU A 255 21.10 37.00 -37.73
C GLU A 255 19.86 36.12 -37.71
N LEU A 256 18.77 36.65 -37.18
CA LEU A 256 17.50 35.94 -37.07
C LEU A 256 16.52 36.48 -38.10
N LYS A 257 15.95 35.58 -38.89
CA LYS A 257 14.95 35.93 -39.89
C LYS A 257 13.57 35.47 -39.46
N HIS A 258 12.56 36.13 -39.99
CA HIS A 258 11.17 35.85 -39.63
C HIS A 258 10.71 34.55 -40.31
N GLY A 259 10.06 33.69 -39.53
CA GLY A 259 9.49 32.47 -40.06
C GLY A 259 10.44 31.30 -40.15
N THR A 260 11.75 31.53 -40.03
CA THR A 260 12.75 30.47 -40.12
C THR A 260 13.05 29.80 -38.80
N PHE A 261 12.49 30.30 -37.70
CA PHE A 261 12.75 29.72 -36.38
C PHE A 261 11.58 30.04 -35.47
N THR A 262 11.54 29.34 -34.33
CA THR A 262 10.49 29.54 -33.34
C THR A 262 10.91 30.57 -32.30
N CYS A 263 12.01 30.32 -31.60
CA CYS A 263 12.51 31.24 -30.59
C CYS A 263 14.02 31.05 -30.44
N ALA A 264 14.67 32.06 -29.89
CA ALA A 264 16.12 32.04 -29.73
C ALA A 264 16.49 32.66 -28.39
N SER A 265 17.65 32.22 -27.87
CA SER A 265 18.18 32.71 -26.61
C SER A 265 19.38 33.61 -26.89
N GLU A 266 19.35 34.84 -26.38
CA GLU A 266 20.43 35.79 -26.54
C GLU A 266 21.24 35.85 -25.25
N TYR A 267 22.55 35.66 -25.37
CA TYR A 267 23.45 35.71 -24.21
C TYR A 267 24.52 36.77 -24.45
N THR A 268 24.51 37.80 -23.61
CA THR A 268 25.54 38.83 -23.60
C THR A 268 26.28 38.74 -22.28
N GLY A 269 27.57 38.43 -22.34
CA GLY A 269 28.36 38.32 -21.14
C GLY A 269 29.48 37.31 -21.31
N ASN A 270 30.37 37.29 -20.32
CA ASN A 270 31.43 36.30 -20.28
C ASN A 270 30.86 34.94 -19.90
N TYR A 271 31.74 33.93 -19.93
CA TYR A 271 31.35 32.60 -19.51
C TYR A 271 31.09 32.59 -18.00
N GLN A 272 29.94 32.05 -17.61
CA GLN A 272 29.48 31.98 -16.22
C GLN A 272 29.13 33.34 -15.65
N CYS A 273 28.94 34.37 -16.49
CA CYS A 273 28.56 35.70 -16.01
C CYS A 273 28.04 36.49 -17.21
N GLY A 274 26.72 36.57 -17.33
CA GLY A 274 26.13 37.30 -18.43
C GLY A 274 24.66 37.57 -18.21
N HIS A 275 24.03 38.11 -19.25
CA HIS A 275 22.62 38.47 -19.23
C HIS A 275 21.89 37.75 -20.36
N TYR A 276 20.73 37.19 -20.05
CA TYR A 276 19.94 36.43 -21.01
C TYR A 276 18.76 37.26 -21.49
N LYS A 277 18.42 37.08 -22.77
CA LYS A 277 17.22 37.69 -23.35
C LYS A 277 16.60 36.73 -24.34
N HIS A 278 15.27 36.71 -24.37
CA HIS A 278 14.51 35.78 -25.20
C HIS A 278 13.98 36.51 -26.43
N ILE A 279 14.10 35.85 -27.60
CA ILE A 279 13.67 36.41 -28.87
C ILE A 279 12.75 35.41 -29.55
N THR A 280 11.56 35.87 -29.91
CA THR A 280 10.57 35.01 -30.55
C THR A 280 10.13 35.61 -31.89
N SER A 281 9.62 34.74 -32.75
CA SER A 281 9.12 35.12 -34.07
C SER A 281 7.60 34.93 -34.07
N LYS A 282 6.86 36.02 -34.21
CA LYS A 282 5.40 35.97 -34.23
C LYS A 282 4.84 36.79 -35.38
N GLU A 283 4.23 37.94 -35.05
CA GLU A 283 3.86 38.88 -36.10
C GLU A 283 5.08 39.56 -36.70
N THR A 284 6.10 39.77 -35.88
CA THR A 284 7.40 40.24 -36.33
C THR A 284 8.44 39.63 -35.40
N LEU A 285 9.60 40.26 -35.28
CA LEU A 285 10.65 39.78 -34.38
C LEU A 285 10.52 40.52 -33.05
N TYR A 286 10.14 39.79 -32.00
CA TYR A 286 9.98 40.36 -30.67
C TYR A 286 11.15 39.95 -29.78
N CYS A 287 11.52 40.85 -28.87
CA CYS A 287 12.58 40.59 -27.90
C CYS A 287 12.01 40.80 -26.50
N ILE A 288 12.04 39.75 -25.69
CA ILE A 288 11.49 39.78 -24.33
C ILE A 288 12.65 39.76 -23.35
N ASP A 289 12.73 40.79 -22.51
CA ASP A 289 13.74 40.88 -21.45
C ASP A 289 12.98 40.93 -20.13
N GLY A 290 12.50 39.77 -19.70
CA GLY A 290 11.68 39.69 -18.51
C GLY A 290 10.31 40.32 -18.70
N ALA A 291 10.13 41.53 -18.17
CA ALA A 291 8.90 42.28 -18.35
C ALA A 291 8.98 43.31 -19.46
N LEU A 292 10.11 43.37 -20.17
CA LEU A 292 10.33 44.36 -21.23
C LEU A 292 10.12 43.71 -22.59
N LEU A 293 9.31 44.34 -23.42
CA LEU A 293 9.03 43.87 -24.77
C LEU A 293 9.55 44.86 -25.79
N THR A 294 10.16 44.34 -26.86
CA THR A 294 10.73 45.16 -27.91
C THR A 294 10.44 44.52 -29.26
N LYS A 295 9.75 45.23 -30.12
CA LYS A 295 9.42 44.73 -31.45
C LYS A 295 10.45 45.19 -32.46
N SER A 296 10.77 44.31 -33.42
CA SER A 296 11.76 44.61 -34.43
C SER A 296 11.40 43.87 -35.72
N SER A 297 11.85 44.41 -36.85
CA SER A 297 11.63 43.72 -38.12
C SER A 297 12.71 42.67 -38.36
N GLU A 298 13.98 43.04 -38.20
CA GLU A 298 15.10 42.11 -38.30
C GLU A 298 15.92 42.20 -37.02
N TYR A 299 16.70 41.15 -36.75
CA TYR A 299 17.50 41.09 -35.54
C TYR A 299 18.91 40.60 -35.86
N LYS A 300 19.86 41.06 -35.06
CA LYS A 300 21.25 40.64 -35.15
C LYS A 300 21.89 40.83 -33.79
N GLY A 301 22.32 39.75 -33.16
CA GLY A 301 22.90 39.83 -31.84
C GLY A 301 23.62 38.56 -31.41
N PRO A 302 24.09 38.53 -30.16
CA PRO A 302 24.80 37.34 -29.66
C PRO A 302 23.86 36.20 -29.31
N ILE A 303 23.72 35.22 -30.20
CA ILE A 303 22.78 34.12 -30.04
C ILE A 303 23.53 32.87 -29.64
N THR A 304 23.01 32.15 -28.65
CA THR A 304 23.58 30.90 -28.21
C THR A 304 22.67 29.69 -28.41
N ASP A 305 21.35 29.88 -28.40
CA ASP A 305 20.40 28.79 -28.57
C ASP A 305 19.31 29.23 -29.53
N VAL A 306 18.96 28.36 -30.48
CA VAL A 306 17.86 28.58 -31.40
C VAL A 306 16.96 27.35 -31.39
N PHE A 307 15.65 27.57 -31.40
CA PHE A 307 14.67 26.50 -31.36
C PHE A 307 13.81 26.53 -32.62
N TYR A 308 13.58 25.36 -33.20
CA TYR A 308 12.81 25.22 -34.42
C TYR A 308 11.64 24.26 -34.21
N LYS A 309 10.64 24.38 -35.08
CA LYS A 309 9.55 23.42 -35.12
C LYS A 309 9.89 22.31 -36.12
N GLU A 310 9.33 21.14 -35.89
CA GLU A 310 9.64 19.97 -36.72
C GLU A 310 8.56 18.92 -36.52
N ASN A 311 8.34 18.14 -37.58
CA ASN A 311 7.50 16.95 -37.50
C ASN A 311 8.32 15.72 -37.85
N SER A 312 8.53 15.50 -39.15
CA SER A 312 9.38 14.41 -39.62
C SER A 312 10.15 14.92 -40.84
N TYR A 313 11.47 14.87 -40.76
CA TYR A 313 12.34 15.29 -41.86
C TYR A 313 13.24 14.13 -42.28
N THR A 314 13.41 13.97 -43.58
CA THR A 314 14.34 12.99 -44.13
C THR A 314 15.10 13.67 -45.25
N THR A 315 16.43 13.67 -45.16
CA THR A 315 17.25 14.38 -46.13
C THR A 315 17.16 13.72 -47.51
N THR A 316 17.56 14.48 -48.52
CA THR A 316 17.56 14.03 -49.91
C THR A 316 18.98 14.12 -50.43
N ILE A 317 19.81 13.15 -50.03
CA ILE A 317 21.20 13.12 -50.44
C ILE A 317 21.59 11.72 -50.89
N SER B 1 -24.99 -24.33 -25.44
CA SER B 1 -25.25 -25.76 -25.43
C SER B 1 -24.66 -26.42 -24.18
N ASN B 2 -23.33 -26.41 -24.07
CA ASN B 2 -22.64 -26.99 -22.93
C ASN B 2 -21.46 -26.08 -22.59
N ALA B 3 -21.59 -25.31 -21.53
CA ALA B 3 -20.54 -24.38 -21.13
C ALA B 3 -19.38 -25.14 -20.49
N GLU B 4 -18.16 -24.66 -20.75
CA GLU B 4 -16.95 -25.28 -20.22
C GLU B 4 -15.89 -24.23 -20.02
N VAL B 5 -15.20 -24.30 -18.89
CA VAL B 5 -14.14 -23.36 -18.52
C VAL B 5 -12.91 -24.14 -18.11
N ARG B 6 -11.74 -23.69 -18.57
CA ARG B 6 -10.46 -24.31 -18.24
C ARG B 6 -9.53 -23.24 -17.69
N THR B 7 -8.87 -23.54 -16.58
CA THR B 7 -8.04 -22.58 -15.87
C THR B 7 -6.69 -23.20 -15.49
N ILE B 8 -5.67 -22.35 -15.38
CA ILE B 8 -4.38 -22.72 -14.83
C ILE B 8 -4.04 -21.73 -13.74
N LYS B 9 -2.96 -22.02 -13.00
CA LYS B 9 -2.54 -21.22 -11.87
C LYS B 9 -1.13 -20.71 -12.12
N VAL B 10 -0.98 -19.39 -12.17
CA VAL B 10 0.31 -18.76 -12.43
C VAL B 10 0.65 -17.80 -11.30
N PHE B 11 1.80 -17.16 -11.40
CA PHE B 11 2.24 -16.16 -10.42
C PHE B 11 2.58 -14.86 -11.14
N THR B 12 2.03 -13.76 -10.65
CA THR B 12 2.33 -12.43 -11.14
C THR B 12 3.17 -11.69 -10.09
N THR B 13 4.11 -10.87 -10.56
CA THR B 13 4.99 -10.15 -9.67
C THR B 13 5.60 -8.98 -10.42
N VAL B 14 6.19 -8.07 -9.65
CA VAL B 14 6.98 -6.98 -10.21
C VAL B 14 8.45 -7.06 -9.81
N ASP B 15 8.78 -7.76 -8.74
CA ASP B 15 10.14 -7.81 -8.21
C ASP B 15 10.71 -9.22 -8.13
N ASN B 16 9.93 -10.24 -8.47
CA ASN B 16 10.29 -11.66 -8.34
C ASN B 16 10.56 -12.06 -6.89
N ILE B 17 10.27 -11.18 -5.94
CA ILE B 17 10.42 -11.49 -4.52
C ILE B 17 9.07 -11.75 -3.86
N ASN B 18 8.07 -10.96 -4.21
CA ASN B 18 6.71 -11.13 -3.71
C ASN B 18 5.86 -11.68 -4.86
N LEU B 19 5.45 -12.93 -4.76
CA LEU B 19 4.68 -13.59 -5.80
C LEU B 19 3.21 -13.61 -5.42
N HIS B 20 2.35 -13.32 -6.40
CA HIS B 20 0.91 -13.29 -6.21
C HIS B 20 0.27 -14.38 -7.05
N THR B 21 -0.51 -15.25 -6.41
CA THR B 21 -1.13 -16.37 -7.10
C THR B 21 -2.33 -15.90 -7.90
N GLN B 22 -2.41 -16.32 -9.16
CA GLN B 22 -3.49 -15.94 -10.06
C GLN B 22 -4.02 -17.18 -10.76
N VAL B 23 -5.34 -17.31 -10.82
CA VAL B 23 -6.01 -18.38 -11.56
C VAL B 23 -6.59 -17.75 -12.82
N VAL B 24 -5.96 -18.00 -13.96
CA VAL B 24 -6.31 -17.33 -15.19
C VAL B 24 -7.23 -18.22 -16.02
N ASP B 25 -8.01 -17.59 -16.89
CA ASP B 25 -8.85 -18.30 -17.84
C ASP B 25 -8.06 -18.53 -19.13
N MET B 26 -8.05 -19.78 -19.60
CA MET B 26 -7.28 -20.10 -20.80
C MET B 26 -7.89 -19.53 -22.07
N SER B 27 -9.19 -19.21 -22.05
CA SER B 27 -9.84 -18.63 -23.22
C SER B 27 -9.49 -17.16 -23.40
N MET B 28 -9.12 -16.48 -22.32
CA MET B 28 -8.77 -15.07 -22.36
C MET B 28 -7.26 -14.91 -22.32
N THR B 29 -6.75 -13.99 -23.14
CA THR B 29 -5.31 -13.77 -23.20
C THR B 29 -4.80 -13.14 -21.91
N TYR B 30 -3.47 -13.14 -21.77
CA TYR B 30 -2.86 -12.56 -20.57
C TYR B 30 -3.12 -11.06 -20.49
N GLY B 31 -3.24 -10.38 -21.63
CA GLY B 31 -3.48 -8.94 -21.62
C GLY B 31 -4.84 -8.57 -21.07
N GLN B 32 -5.84 -9.44 -21.25
CA GLN B 32 -7.18 -9.16 -20.77
C GLN B 32 -7.31 -9.33 -19.26
N GLN B 33 -6.30 -9.84 -18.59
CA GLN B 33 -6.36 -10.10 -17.16
C GLN B 33 -5.32 -9.33 -16.35
N PHE B 34 -4.12 -9.12 -16.88
CA PHE B 34 -3.08 -8.39 -16.17
C PHE B 34 -2.47 -7.26 -16.99
N GLY B 35 -2.99 -6.99 -18.19
CA GLY B 35 -2.41 -6.02 -19.07
C GLY B 35 -1.11 -6.53 -19.66
N PRO B 36 -0.13 -5.64 -19.82
CA PRO B 36 1.18 -6.07 -20.34
C PRO B 36 1.85 -7.08 -19.43
N THR B 37 2.07 -8.27 -19.96
CA THR B 37 2.65 -9.38 -19.22
C THR B 37 3.92 -9.86 -19.92
N TYR B 38 4.90 -10.29 -19.13
CA TYR B 38 6.18 -10.75 -19.65
C TYR B 38 6.57 -12.07 -19.01
N LEU B 39 7.30 -12.88 -19.76
CA LEU B 39 7.83 -14.16 -19.28
C LEU B 39 9.29 -14.22 -19.71
N ASP B 40 10.19 -13.98 -18.74
CA ASP B 40 11.63 -13.89 -19.01
C ASP B 40 11.92 -12.84 -20.07
N GLY B 41 11.25 -11.69 -19.97
CA GLY B 41 11.42 -10.62 -20.91
C GLY B 41 10.62 -10.73 -22.19
N ALA B 42 10.08 -11.91 -22.49
CA ALA B 42 9.28 -12.09 -23.70
C ALA B 42 7.86 -11.57 -23.47
N ASP B 43 7.39 -10.73 -24.38
CA ASP B 43 6.06 -10.14 -24.26
C ASP B 43 5.00 -11.19 -24.55
N VAL B 44 4.22 -11.54 -23.53
CA VAL B 44 3.17 -12.54 -23.67
C VAL B 44 1.81 -11.86 -23.48
N THR B 45 1.74 -10.57 -23.79
CA THR B 45 0.49 -9.84 -23.61
C THR B 45 -0.61 -10.35 -24.54
N LYS B 46 -0.26 -10.65 -25.78
CA LYS B 46 -1.23 -11.13 -26.76
C LYS B 46 -1.34 -12.65 -26.82
N ILE B 47 -0.54 -13.36 -26.02
CA ILE B 47 -0.53 -14.81 -26.04
C ILE B 47 -1.53 -15.33 -25.02
N LYS B 48 -2.36 -16.28 -25.44
CA LYS B 48 -3.26 -16.95 -24.50
C LYS B 48 -2.48 -17.95 -23.64
N PRO B 49 -2.97 -18.26 -22.44
CA PRO B 49 -2.23 -19.15 -21.55
C PRO B 49 -1.99 -20.52 -22.18
N HIS B 50 -0.77 -21.03 -22.00
CA HIS B 50 -0.37 -22.32 -22.54
C HIS B 50 -0.38 -23.39 -21.44
N ASN B 51 0.05 -24.59 -21.81
CA ASN B 51 0.08 -25.70 -20.85
C ASN B 51 1.27 -25.57 -19.91
N SER B 52 2.45 -25.26 -20.45
CA SER B 52 3.65 -25.18 -19.63
C SER B 52 3.67 -23.97 -18.70
N HIS B 53 2.77 -23.01 -18.90
CA HIS B 53 2.74 -21.82 -18.06
C HIS B 53 2.19 -22.08 -16.67
N GLU B 54 1.76 -23.32 -16.36
CA GLU B 54 1.24 -23.64 -15.05
C GLU B 54 2.31 -23.48 -13.98
N GLY B 55 2.03 -22.64 -12.99
CA GLY B 55 2.93 -22.43 -11.88
C GLY B 55 4.10 -21.51 -12.15
N LYS B 56 4.26 -21.02 -13.37
CA LYS B 56 5.36 -20.14 -13.68
C LYS B 56 5.11 -18.73 -13.16
N THR B 57 6.17 -17.93 -13.12
CA THR B 57 6.12 -16.56 -12.62
C THR B 57 6.15 -15.58 -13.79
N PHE B 58 5.18 -14.68 -13.83
CA PHE B 58 5.07 -13.68 -14.88
C PHE B 58 5.28 -12.28 -14.30
N TYR B 59 5.82 -11.40 -15.12
CA TYR B 59 6.05 -10.01 -14.76
C TYR B 59 4.90 -9.13 -15.25
N VAL B 60 4.43 -8.24 -14.39
CA VAL B 60 3.35 -7.32 -14.70
C VAL B 60 3.79 -5.90 -14.38
N LEU B 61 2.99 -4.91 -14.83
CA LEU B 61 3.34 -3.52 -14.61
C LEU B 61 2.69 -2.99 -13.33
N PRO B 62 3.34 -2.05 -12.65
CA PRO B 62 2.80 -1.51 -11.38
C PRO B 62 1.72 -0.45 -11.61
N ASN B 63 0.54 -0.90 -12.02
CA ASN B 63 -0.63 -0.04 -12.12
C ASN B 63 -1.57 -0.21 -10.93
N ASP B 64 -1.20 -1.03 -9.97
CA ASP B 64 -1.93 -1.20 -8.72
C ASP B 64 -1.14 -0.57 -7.59
N ASP B 65 -1.85 -0.08 -6.57
CA ASP B 65 -1.18 0.61 -5.47
C ASP B 65 -0.27 -0.34 -4.69
N THR B 66 -0.67 -1.61 -4.56
CA THR B 66 0.22 -2.59 -3.93
C THR B 66 1.46 -2.83 -4.80
N LEU B 67 1.27 -2.99 -6.10
CA LEU B 67 2.40 -3.23 -6.99
C LEU B 67 3.31 -2.01 -7.09
N ARG B 68 2.75 -0.81 -6.93
CA ARG B 68 3.58 0.39 -6.96
C ARG B 68 4.52 0.45 -5.75
N VAL B 69 4.05 -0.03 -4.59
CA VAL B 69 4.91 -0.05 -3.41
C VAL B 69 6.00 -1.10 -3.56
N GLU B 70 5.63 -2.30 -4.01
CA GLU B 70 6.62 -3.37 -4.17
C GLU B 70 7.65 -3.02 -5.24
N ALA B 71 7.25 -2.29 -6.29
CA ALA B 71 8.21 -1.82 -7.26
C ALA B 71 9.14 -0.76 -6.69
N PHE B 72 8.64 0.07 -5.78
CA PHE B 72 9.46 1.11 -5.18
C PHE B 72 10.37 0.57 -4.09
N GLU B 73 9.98 -0.52 -3.42
CA GLU B 73 10.85 -1.11 -2.42
C GLU B 73 12.00 -1.88 -3.04
N TYR B 74 11.86 -2.33 -4.29
CA TYR B 74 12.88 -3.12 -4.97
C TYR B 74 13.64 -2.34 -6.02
N TYR B 75 12.96 -1.54 -6.85
CA TYR B 75 13.60 -0.76 -7.88
C TYR B 75 13.75 0.71 -7.51
N HIS B 76 13.19 1.15 -6.38
CA HIS B 76 13.19 2.56 -5.97
C HIS B 76 12.54 3.45 -7.03
N THR B 77 11.49 2.93 -7.67
CA THR B 77 10.73 3.69 -8.65
C THR B 77 9.36 3.05 -8.81
N THR B 78 8.38 3.89 -9.13
CA THR B 78 7.00 3.44 -9.35
C THR B 78 6.57 3.62 -10.80
N ASP B 79 7.50 3.92 -11.71
CA ASP B 79 7.16 4.18 -13.10
C ASP B 79 6.94 2.86 -13.83
N PRO B 80 5.76 2.63 -14.42
CA PRO B 80 5.53 1.37 -15.14
C PRO B 80 6.39 1.22 -16.38
N SER B 81 6.92 2.33 -16.93
CA SER B 81 7.76 2.23 -18.11
C SER B 81 9.12 1.63 -17.80
N PHE B 82 9.57 1.68 -16.54
CA PHE B 82 10.87 1.11 -16.18
C PHE B 82 10.84 -0.41 -16.35
N LEU B 83 9.80 -1.07 -15.84
CA LEU B 83 9.70 -2.52 -16.02
C LEU B 83 9.53 -2.88 -17.49
N GLY B 84 8.84 -2.03 -18.26
CA GLY B 84 8.75 -2.26 -19.68
C GLY B 84 10.10 -2.19 -20.38
N ARG B 85 10.94 -1.24 -19.96
CA ARG B 85 12.29 -1.18 -20.50
C ARG B 85 13.18 -2.27 -19.93
N TYR B 86 12.93 -2.68 -18.68
CA TYR B 86 13.74 -3.73 -18.07
C TYR B 86 13.44 -5.09 -18.70
N MET B 87 12.16 -5.38 -18.95
CA MET B 87 11.79 -6.63 -19.59
C MET B 87 12.23 -6.66 -21.05
N SER B 88 12.09 -5.53 -21.74
CA SER B 88 12.50 -5.46 -23.14
C SER B 88 14.00 -5.67 -23.29
N ALA B 89 14.78 -5.18 -22.33
CA ALA B 89 16.23 -5.36 -22.36
C ALA B 89 16.63 -6.75 -21.88
N LEU B 90 15.90 -7.31 -20.92
CA LEU B 90 16.21 -8.66 -20.44
C LEU B 90 15.98 -9.72 -21.50
N ASN B 91 15.14 -9.42 -22.50
CA ASN B 91 14.90 -10.36 -23.60
C ASN B 91 16.15 -10.60 -24.43
N HIS B 92 17.10 -9.67 -24.43
CA HIS B 92 18.34 -9.80 -25.18
C HIS B 92 19.54 -10.14 -24.31
N THR B 93 19.56 -9.69 -23.05
CA THR B 93 20.70 -9.95 -22.19
C THR B 93 20.80 -11.42 -21.79
N LYS B 94 19.68 -12.14 -21.79
CA LYS B 94 19.72 -13.56 -21.49
C LYS B 94 20.43 -14.34 -22.59
N LYS B 95 20.38 -13.85 -23.83
CA LYS B 95 21.10 -14.47 -24.93
C LYS B 95 22.58 -14.13 -24.91
N TRP B 96 22.98 -13.05 -24.24
CA TRP B 96 24.37 -12.64 -24.21
C TRP B 96 25.20 -13.61 -23.38
N LYS B 97 26.45 -13.81 -23.81
CA LYS B 97 27.41 -14.62 -23.08
C LYS B 97 28.19 -13.73 -22.11
N TYR B 98 28.49 -14.27 -20.93
CA TYR B 98 29.18 -13.55 -19.88
C TYR B 98 30.40 -14.34 -19.43
N PRO B 99 31.50 -14.26 -20.18
CA PRO B 99 32.71 -14.96 -19.77
C PRO B 99 33.38 -14.30 -18.59
N GLN B 100 34.12 -15.09 -17.82
CA GLN B 100 34.85 -14.62 -16.65
C GLN B 100 36.31 -14.46 -17.06
N VAL B 101 36.67 -13.26 -17.50
CA VAL B 101 38.02 -12.94 -17.97
C VAL B 101 38.80 -12.34 -16.82
N ASN B 102 39.92 -12.96 -16.47
CA ASN B 102 40.83 -12.48 -15.43
C ASN B 102 40.10 -12.33 -14.09
N GLY B 103 39.22 -13.27 -13.80
CA GLY B 103 38.44 -13.22 -12.57
C GLY B 103 37.34 -12.18 -12.56
N LEU B 104 37.05 -11.55 -13.70
CA LEU B 104 36.03 -10.53 -13.80
C LEU B 104 35.01 -10.92 -14.85
N THR B 105 33.74 -10.78 -14.53
CA THR B 105 32.68 -11.11 -15.48
C THR B 105 32.63 -10.05 -16.58
N SER B 106 32.67 -10.50 -17.83
CA SER B 106 32.65 -9.62 -18.99
C SER B 106 31.41 -9.92 -19.84
N ILE B 107 31.38 -9.36 -21.03
CA ILE B 107 30.29 -9.58 -21.99
C ILE B 107 30.90 -9.73 -23.37
N LYS B 108 30.67 -10.88 -24.00
CA LYS B 108 31.06 -11.05 -25.39
C LYS B 108 30.29 -10.06 -26.25
N TRP B 109 30.97 -9.53 -27.27
CA TRP B 109 30.38 -8.46 -28.07
C TRP B 109 29.06 -8.90 -28.70
N ALA B 110 28.00 -8.15 -28.42
CA ALA B 110 26.68 -8.44 -28.97
C ALA B 110 25.83 -7.19 -28.85
N ASP B 111 25.37 -6.66 -29.98
CA ASP B 111 24.52 -5.47 -30.01
C ASP B 111 25.21 -4.28 -29.36
N ASN B 112 26.47 -4.06 -29.72
CA ASN B 112 27.28 -2.93 -29.24
C ASN B 112 27.37 -2.95 -27.71
N ASN B 113 27.91 -4.04 -27.18
CA ASN B 113 28.03 -4.25 -25.74
C ASN B 113 29.42 -3.88 -25.22
N CYS B 114 30.09 -2.91 -25.85
CA CYS B 114 31.42 -2.52 -25.40
C CYS B 114 31.36 -1.61 -24.19
N TYR B 115 30.45 -0.64 -24.19
CA TYR B 115 30.35 0.26 -23.05
C TYR B 115 29.70 -0.41 -21.85
N LEU B 116 28.87 -1.43 -22.08
CA LEU B 116 28.31 -2.19 -20.96
C LEU B 116 29.36 -3.11 -20.35
N ALA B 117 30.20 -3.72 -21.19
CA ALA B 117 31.27 -4.58 -20.67
C ALA B 117 32.29 -3.76 -19.89
N THR B 118 32.68 -2.60 -20.42
CA THR B 118 33.65 -1.75 -19.72
C THR B 118 33.07 -1.25 -18.41
N ALA B 119 31.77 -0.98 -18.38
CA ALA B 119 31.12 -0.55 -17.14
C ALA B 119 31.08 -1.67 -16.11
N LEU B 120 30.67 -2.87 -16.54
CA LEU B 120 30.62 -4.01 -15.63
C LEU B 120 32.01 -4.37 -15.12
N LEU B 121 33.01 -4.39 -16.01
CA LEU B 121 34.37 -4.68 -15.59
C LEU B 121 34.89 -3.64 -14.61
N THR B 122 34.48 -2.37 -14.77
CA THR B 122 34.92 -1.32 -13.87
C THR B 122 34.15 -1.33 -12.56
N LEU B 123 32.87 -1.70 -12.59
CA LEU B 123 32.06 -1.72 -11.37
C LEU B 123 32.57 -2.75 -10.38
N GLN B 124 33.15 -3.85 -10.86
CA GLN B 124 33.63 -4.90 -9.96
C GLN B 124 34.90 -4.49 -9.24
N GLN B 125 35.68 -3.58 -9.83
CA GLN B 125 36.94 -3.15 -9.23
C GLN B 125 36.78 -2.00 -8.26
N ILE B 126 35.83 -1.10 -8.50
CA ILE B 126 35.58 -0.01 -7.57
C ILE B 126 34.72 -0.49 -6.42
N GLU B 127 34.83 0.19 -5.29
CA GLU B 127 34.02 -0.11 -4.11
C GLU B 127 32.74 0.71 -4.19
N LEU B 128 31.62 0.04 -4.44
CA LEU B 128 30.34 0.71 -4.63
C LEU B 128 29.23 -0.10 -3.96
N LYS B 129 28.28 0.61 -3.36
CA LYS B 129 27.14 0.00 -2.69
C LYS B 129 25.87 0.60 -3.27
N PHE B 130 25.06 -0.21 -3.92
CA PHE B 130 23.84 0.26 -4.54
C PHE B 130 22.72 0.40 -3.52
N ASN B 131 21.82 1.33 -3.78
CA ASN B 131 20.68 1.59 -2.90
C ASN B 131 19.48 0.71 -3.23
N PRO B 132 19.05 0.59 -4.50
CA PRO B 132 17.92 -0.29 -4.80
C PRO B 132 18.28 -1.74 -4.59
N PRO B 133 17.45 -2.51 -3.88
CA PRO B 133 17.74 -3.95 -3.72
C PRO B 133 17.81 -4.70 -5.04
N ALA B 134 17.21 -4.17 -6.10
CA ALA B 134 17.34 -4.80 -7.42
C ALA B 134 18.79 -4.81 -7.88
N LEU B 135 19.43 -3.64 -7.86
CA LEU B 135 20.83 -3.56 -8.25
C LEU B 135 21.74 -4.28 -7.27
N GLN B 136 21.32 -4.45 -6.01
CA GLN B 136 22.13 -5.19 -5.06
C GLN B 136 22.14 -6.67 -5.37
N ASP B 137 20.99 -7.25 -5.72
CA ASP B 137 20.93 -8.67 -6.01
C ASP B 137 21.52 -9.00 -7.37
N ALA B 138 21.21 -8.19 -8.38
CA ALA B 138 21.72 -8.44 -9.72
C ALA B 138 23.23 -8.24 -9.82
N TYR B 139 23.81 -7.43 -8.95
CA TYR B 139 25.26 -7.25 -8.97
C TYR B 139 25.97 -8.45 -8.38
N TYR B 140 25.44 -9.03 -7.30
CA TYR B 140 26.04 -10.22 -6.72
C TYR B 140 25.97 -11.40 -7.68
N ARG B 141 24.87 -11.50 -8.43
CA ARG B 141 24.76 -12.55 -9.44
C ARG B 141 25.70 -12.27 -10.62
N ALA B 142 25.95 -11.00 -10.91
CA ALA B 142 26.88 -10.67 -12.00
C ALA B 142 28.29 -11.06 -11.64
N ARG B 143 28.69 -10.89 -10.38
CA ARG B 143 30.02 -11.30 -9.95
C ARG B 143 30.18 -12.82 -10.01
N ALA B 144 29.09 -13.56 -9.89
CA ALA B 144 29.14 -15.03 -9.99
C ALA B 144 29.11 -15.51 -11.44
N GLY B 145 28.91 -14.63 -12.40
CA GLY B 145 28.89 -14.97 -13.81
C GLY B 145 27.57 -14.71 -14.51
N GLU B 146 26.48 -14.55 -13.77
CA GLU B 146 25.16 -14.31 -14.35
C GLU B 146 24.88 -12.82 -14.30
N ALA B 147 25.31 -12.11 -15.34
CA ALA B 147 25.13 -10.66 -15.44
C ALA B 147 23.95 -10.29 -16.34
N ALA B 148 23.02 -11.22 -16.57
CA ALA B 148 21.89 -10.93 -17.44
C ALA B 148 20.94 -9.92 -16.83
N ASN B 149 20.61 -10.10 -15.54
CA ASN B 149 19.71 -9.16 -14.87
C ASN B 149 20.39 -7.82 -14.64
N PHE B 150 21.69 -7.82 -14.33
CA PHE B 150 22.40 -6.59 -14.02
C PHE B 150 22.55 -5.71 -15.26
N CYS B 151 22.79 -6.32 -16.42
CA CYS B 151 22.92 -5.54 -17.65
C CYS B 151 21.58 -4.95 -18.09
N ALA B 152 20.50 -5.72 -17.91
CA ALA B 152 19.17 -5.23 -18.28
C ALA B 152 18.72 -4.12 -17.33
N LEU B 153 19.14 -4.18 -16.06
CA LEU B 153 18.81 -3.10 -15.13
C LEU B 153 19.57 -1.83 -15.47
N ILE B 154 20.84 -1.96 -15.86
CA ILE B 154 21.63 -0.78 -16.24
C ILE B 154 21.00 -0.09 -17.45
N LEU B 155 20.58 -0.87 -18.44
CA LEU B 155 19.94 -0.29 -19.63
C LEU B 155 18.64 0.43 -19.27
N ALA B 156 17.88 -0.12 -18.32
CA ALA B 156 16.61 0.48 -17.95
C ALA B 156 16.78 1.73 -17.11
N TYR B 157 17.79 1.76 -16.23
CA TYR B 157 18.04 2.96 -15.43
C TYR B 157 18.63 4.09 -16.27
N CYS B 158 19.37 3.74 -17.33
CA CYS B 158 19.97 4.73 -18.22
C CYS B 158 19.07 5.11 -19.39
N ASN B 159 17.87 4.53 -19.46
CA ASN B 159 16.93 4.78 -20.56
C ASN B 159 17.56 4.45 -21.91
N LYS B 160 18.37 3.39 -21.93
CA LYS B 160 19.03 2.92 -23.13
C LYS B 160 18.44 1.58 -23.54
N THR B 161 18.34 1.36 -24.85
CA THR B 161 17.86 0.10 -25.39
C THR B 161 19.03 -0.75 -25.87
N VAL B 162 18.75 -2.03 -26.11
CA VAL B 162 19.76 -2.95 -26.61
C VAL B 162 20.15 -2.54 -28.02
N GLY B 163 21.46 -2.45 -28.27
CA GLY B 163 21.97 -2.00 -29.55
C GLY B 163 22.17 -0.51 -29.67
N GLU B 164 22.13 0.22 -28.56
CA GLU B 164 22.28 1.67 -28.58
C GLU B 164 23.66 2.05 -28.06
N LEU B 165 24.35 2.90 -28.82
CA LEU B 165 25.69 3.32 -28.43
C LEU B 165 25.62 4.26 -27.23
N GLY B 166 26.36 3.92 -26.17
CA GLY B 166 26.33 4.70 -24.95
C GLY B 166 27.73 5.03 -24.46
N ASP B 167 27.79 6.04 -23.60
CA ASP B 167 29.04 6.47 -23.01
C ASP B 167 29.23 5.83 -21.65
N VAL B 168 30.48 5.43 -21.36
CA VAL B 168 30.77 4.81 -20.07
C VAL B 168 30.67 5.84 -18.95
N ARG B 169 31.05 7.08 -19.22
CA ARG B 169 30.96 8.13 -18.20
C ARG B 169 29.51 8.43 -17.85
N GLU B 170 28.65 8.51 -18.86
CA GLU B 170 27.23 8.71 -18.59
C GLU B 170 26.61 7.50 -17.91
N THR B 171 27.04 6.30 -18.30
CA THR B 171 26.56 5.09 -17.64
C THR B 171 27.00 5.05 -16.18
N MET B 172 28.25 5.46 -15.91
CA MET B 172 28.72 5.50 -14.52
C MET B 172 28.00 6.57 -13.73
N SER B 173 27.69 7.71 -14.36
CA SER B 173 26.97 8.77 -13.66
C SER B 173 25.56 8.34 -13.29
N TYR B 174 24.90 7.59 -14.18
CA TYR B 174 23.56 7.10 -13.87
C TYR B 174 23.60 6.10 -12.71
N LEU B 175 24.60 5.22 -12.68
CA LEU B 175 24.66 4.20 -11.65
C LEU B 175 25.11 4.77 -10.31
N PHE B 176 25.97 5.78 -10.33
CA PHE B 176 26.42 6.39 -9.09
C PHE B 176 25.29 7.13 -8.38
N GLN B 177 24.31 7.64 -9.13
CA GLN B 177 23.16 8.30 -8.52
C GLN B 177 22.28 7.31 -7.78
N HIS B 178 22.40 6.02 -8.06
CA HIS B 178 21.66 4.99 -7.34
C HIS B 178 22.52 4.27 -6.31
N ALA B 179 23.71 4.80 -6.02
CA ALA B 179 24.61 4.24 -5.02
C ALA B 179 24.67 5.13 -3.79
N ASN B 180 25.22 4.57 -2.70
CA ASN B 180 25.32 5.30 -1.45
C ASN B 180 26.67 6.02 -1.41
N LEU B 181 26.70 7.20 -2.02
CA LEU B 181 27.88 8.05 -2.06
C LEU B 181 27.73 9.26 -1.14
N ASP B 182 26.95 9.12 -0.07
CA ASP B 182 26.72 10.25 0.83
C ASP B 182 27.97 10.62 1.61
N SER B 183 28.74 9.61 2.03
CA SER B 183 29.96 9.87 2.80
C SER B 183 31.09 10.45 1.96
N CYS B 184 30.93 10.51 0.64
CA CYS B 184 31.97 11.02 -0.24
C CYS B 184 31.96 12.54 -0.22
N LYS B 185 33.08 13.14 0.20
CA LYS B 185 33.23 14.59 0.26
C LYS B 185 34.42 15.00 -0.59
N ARG B 186 34.27 16.10 -1.33
CA ARG B 186 35.34 16.66 -2.14
C ARG B 186 35.36 18.16 -1.94
N VAL B 187 36.54 18.70 -1.61
CA VAL B 187 36.74 20.13 -1.44
C VAL B 187 37.72 20.60 -2.51
N LEU B 188 37.28 21.54 -3.34
CA LEU B 188 38.10 22.11 -4.39
C LEU B 188 38.41 23.57 -4.09
N ASN B 189 39.47 24.08 -4.72
CA ASN B 189 39.90 25.45 -4.54
C ASN B 189 40.31 26.03 -5.89
N VAL B 190 39.70 27.15 -6.26
CA VAL B 190 40.02 27.85 -7.50
C VAL B 190 40.73 29.15 -7.12
N VAL B 191 41.98 29.27 -7.53
CA VAL B 191 42.83 30.41 -7.17
C VAL B 191 42.98 31.31 -8.38
N CYS B 192 42.53 32.55 -8.26
CA CYS B 192 42.64 33.54 -9.31
C CYS B 192 43.47 34.72 -8.82
N LYS B 193 44.26 35.30 -9.71
CA LYS B 193 45.11 36.43 -9.34
C LYS B 193 44.29 37.67 -9.04
N THR B 194 43.15 37.86 -9.71
CA THR B 194 42.33 39.04 -9.53
C THR B 194 41.24 38.84 -8.49
N CYS B 195 40.48 37.75 -8.59
CA CYS B 195 39.34 37.51 -7.72
C CYS B 195 39.72 36.87 -6.39
N GLY B 196 40.88 36.24 -6.31
CA GLY B 196 41.30 35.58 -5.09
C GLY B 196 41.13 34.08 -5.14
N GLN B 197 40.61 33.50 -4.06
CA GLN B 197 40.37 32.06 -3.99
C GLN B 197 38.89 31.78 -3.87
N GLN B 198 38.48 30.63 -4.40
CA GLN B 198 37.09 30.17 -4.35
C GLN B 198 37.11 28.69 -3.97
N GLN B 199 36.63 28.38 -2.76
CA GLN B 199 36.63 27.02 -2.26
C GLN B 199 35.24 26.43 -2.37
N THR B 200 35.12 25.30 -3.06
CA THR B 200 33.86 24.60 -3.26
C THR B 200 33.88 23.28 -2.51
N THR B 201 32.74 22.92 -1.92
CA THR B 201 32.60 21.67 -1.17
C THR B 201 31.57 20.80 -1.90
N LEU B 202 32.05 19.80 -2.61
CA LEU B 202 31.18 18.89 -3.37
C LEU B 202 30.85 17.66 -2.55
N LYS B 203 29.73 17.04 -2.89
CA LYS B 203 29.24 15.87 -2.17
C LYS B 203 28.54 14.94 -3.15
N GLY B 204 28.54 13.65 -2.81
CA GLY B 204 27.80 12.68 -3.60
C GLY B 204 28.53 12.29 -4.86
N VAL B 205 27.80 12.27 -5.98
CA VAL B 205 28.38 11.85 -7.25
C VAL B 205 29.43 12.84 -7.72
N GLU B 206 29.20 14.14 -7.51
CA GLU B 206 30.14 15.17 -7.91
C GLU B 206 31.43 15.15 -7.11
N ALA B 207 31.51 14.31 -6.07
CA ALA B 207 32.72 14.20 -5.26
C ALA B 207 33.68 13.14 -5.78
N VAL B 208 33.26 12.29 -6.71
CA VAL B 208 34.10 11.23 -7.25
C VAL B 208 34.32 11.35 -8.76
N MET B 209 33.55 12.18 -9.45
CA MET B 209 33.68 12.34 -10.89
C MET B 209 34.19 13.74 -11.23
N TYR B 210 34.91 13.83 -12.34
CA TYR B 210 35.43 15.10 -12.82
C TYR B 210 35.80 14.95 -14.29
N MET B 211 35.43 15.95 -15.09
CA MET B 211 35.75 15.99 -16.51
C MET B 211 36.79 17.07 -16.75
N GLY B 212 37.91 16.70 -17.34
CA GLY B 212 38.97 17.65 -17.62
C GLY B 212 40.35 17.05 -17.64
N THR B 213 40.69 16.25 -16.64
CA THR B 213 42.01 15.64 -16.54
C THR B 213 41.88 14.19 -16.15
N LEU B 214 42.83 13.38 -16.62
CA LEU B 214 42.92 11.97 -16.26
C LEU B 214 43.91 11.70 -15.13
N SER B 215 44.88 12.58 -14.93
CA SER B 215 45.88 12.39 -13.89
C SER B 215 45.33 12.82 -12.54
N TYR B 216 45.30 11.89 -11.59
CA TYR B 216 44.91 12.24 -10.23
C TYR B 216 45.96 13.12 -9.55
N GLU B 217 47.22 12.99 -9.97
CA GLU B 217 48.28 13.82 -9.39
C GLU B 217 48.21 15.25 -9.91
N GLN B 218 47.94 15.43 -11.21
CA GLN B 218 47.82 16.78 -11.75
C GLN B 218 46.58 17.49 -11.20
N PHE B 219 45.55 16.72 -10.84
CA PHE B 219 44.40 17.30 -10.15
C PHE B 219 44.79 17.81 -8.78
N LYS B 220 45.72 17.13 -8.10
CA LYS B 220 46.21 17.58 -6.80
C LYS B 220 47.17 18.76 -6.94
N LYS B 221 47.98 18.78 -8.01
CA LYS B 221 48.89 19.90 -8.22
C LYS B 221 48.13 21.14 -8.67
N GLY B 222 47.35 21.02 -9.74
CA GLY B 222 46.57 22.14 -10.23
C GLY B 222 46.35 22.12 -11.74
N VAL B 223 45.10 22.30 -12.16
CA VAL B 223 44.74 22.36 -13.57
C VAL B 223 44.21 23.75 -13.87
N GLN B 224 44.31 24.15 -15.14
CA GLN B 224 43.95 25.49 -15.58
C GLN B 224 42.51 25.50 -16.07
N ILE B 225 41.69 26.38 -15.47
CA ILE B 225 40.31 26.57 -15.86
C ILE B 225 40.06 28.06 -16.05
N PRO B 226 39.08 28.45 -16.86
CA PRO B 226 38.79 29.89 -17.02
C PRO B 226 38.07 30.45 -15.79
N CYS B 227 38.16 31.76 -15.65
CA CYS B 227 37.53 32.49 -14.57
C CYS B 227 36.53 33.49 -15.13
N THR B 228 35.65 33.97 -14.26
CA THR B 228 34.62 34.92 -14.67
C THR B 228 35.19 36.28 -15.05
N CYS B 229 36.47 36.53 -14.77
CA CYS B 229 37.13 37.77 -15.18
C CYS B 229 37.92 37.62 -16.47
N GLY B 230 37.78 36.48 -17.15
CA GLY B 230 38.49 36.22 -18.38
C GLY B 230 39.82 35.53 -18.21
N LYS B 231 40.46 35.70 -17.06
CA LYS B 231 41.76 35.08 -16.81
C LYS B 231 41.60 33.59 -16.53
N GLN B 232 42.71 32.87 -16.64
CA GLN B 232 42.75 31.43 -16.41
C GLN B 232 43.20 31.19 -14.97
N ALA B 233 42.31 30.64 -14.15
CA ALA B 233 42.60 30.36 -12.76
C ALA B 233 43.15 28.94 -12.61
N THR B 234 43.48 28.56 -11.38
CA THR B 234 44.06 27.25 -11.08
C THR B 234 43.16 26.53 -10.08
N LYS B 235 42.71 25.33 -10.45
CA LYS B 235 41.90 24.49 -9.58
C LYS B 235 42.73 23.30 -9.11
N TYR B 236 42.76 23.09 -7.80
CA TYR B 236 43.47 21.95 -7.23
C TYR B 236 42.62 21.32 -6.14
N LEU B 237 42.87 20.03 -5.88
CA LEU B 237 42.11 19.28 -4.90
C LEU B 237 42.62 19.59 -3.50
N VAL B 238 41.70 19.97 -2.60
CA VAL B 238 42.06 20.30 -1.23
C VAL B 238 41.93 19.05 -0.37
N GLN B 239 40.72 18.52 -0.25
CA GLN B 239 40.46 17.34 0.56
C GLN B 239 39.54 16.39 -0.20
N GLN B 240 39.92 15.11 -0.23
CA GLN B 240 39.13 14.09 -0.87
C GLN B 240 38.89 12.96 0.12
N GLU B 241 37.62 12.55 0.25
CA GLU B 241 37.22 11.48 1.17
C GLU B 241 36.24 10.58 0.41
N SER B 242 36.77 9.54 -0.23
CA SER B 242 35.95 8.63 -1.02
C SER B 242 36.72 7.34 -1.23
N PRO B 243 36.04 6.21 -1.40
CA PRO B 243 36.76 4.95 -1.66
C PRO B 243 37.41 4.89 -3.03
N PHE B 244 36.92 5.65 -4.01
CA PHE B 244 37.48 5.65 -5.34
C PHE B 244 37.32 7.04 -5.95
N VAL B 245 38.08 7.29 -7.01
CA VAL B 245 38.05 8.57 -7.72
C VAL B 245 38.07 8.29 -9.21
N MET B 246 37.10 8.85 -9.93
CA MET B 246 36.99 8.68 -11.38
C MET B 246 37.44 9.98 -12.05
N MET B 247 38.55 9.92 -12.78
CA MET B 247 39.07 11.05 -13.53
C MET B 247 38.74 10.85 -15.01
N SER B 248 38.06 11.82 -15.61
CA SER B 248 37.62 11.72 -16.98
C SER B 248 38.14 12.92 -17.79
N ALA B 249 38.23 12.72 -19.10
CA ALA B 249 38.69 13.72 -20.04
C ALA B 249 38.35 13.25 -21.45
N PRO B 250 38.33 14.16 -22.42
CA PRO B 250 38.14 13.74 -23.80
C PRO B 250 39.20 12.75 -24.21
N PRO B 251 38.87 11.80 -25.07
CA PRO B 251 39.84 10.76 -25.44
C PRO B 251 41.05 11.35 -26.16
N ALA B 252 42.23 11.01 -25.64
CA ALA B 252 43.49 11.46 -26.22
C ALA B 252 44.58 10.48 -25.82
N GLN B 253 45.70 10.57 -26.53
CA GLN B 253 46.83 9.69 -26.25
C GLN B 253 47.34 9.92 -24.83
N TYR B 254 47.31 8.86 -24.02
CA TYR B 254 47.69 8.94 -22.62
C TYR B 254 48.45 7.70 -22.23
N GLU B 255 49.49 7.88 -21.42
CA GLU B 255 50.34 6.77 -20.99
C GLU B 255 49.87 6.22 -19.65
N LEU B 256 49.81 4.89 -19.56
CA LEU B 256 49.40 4.21 -18.34
C LEU B 256 50.59 3.45 -17.75
N LYS B 257 50.72 3.53 -16.43
CA LYS B 257 51.79 2.85 -15.71
C LYS B 257 51.19 1.90 -14.68
N HIS B 258 51.89 0.79 -14.46
CA HIS B 258 51.43 -0.21 -13.50
C HIS B 258 51.44 0.35 -12.08
N GLY B 259 50.37 0.07 -11.34
CA GLY B 259 50.25 0.48 -9.96
C GLY B 259 49.76 1.90 -9.73
N THR B 260 49.82 2.76 -10.74
CA THR B 260 49.41 4.15 -10.60
C THR B 260 47.92 4.35 -10.84
N PHE B 261 47.17 3.28 -11.12
CA PHE B 261 45.75 3.39 -11.38
C PHE B 261 45.09 2.05 -11.12
N THR B 262 43.78 2.08 -10.92
CA THR B 262 42.99 0.87 -10.71
C THR B 262 42.55 0.27 -12.05
N CYS B 263 41.86 1.05 -12.86
CA CYS B 263 41.44 0.62 -14.19
C CYS B 263 41.16 1.86 -15.03
N ALA B 264 41.13 1.65 -16.35
CA ALA B 264 40.95 2.76 -17.29
C ALA B 264 40.03 2.32 -18.43
N SER B 265 39.52 3.31 -19.16
CA SER B 265 38.63 3.09 -20.28
C SER B 265 39.28 3.64 -21.55
N GLU B 266 39.36 2.80 -22.58
CA GLU B 266 39.90 3.20 -23.87
C GLU B 266 38.76 3.44 -24.85
N TYR B 267 38.81 4.58 -25.54
CA TYR B 267 37.81 4.91 -26.55
C TYR B 267 38.51 5.13 -27.88
N THR B 268 38.14 4.34 -28.89
CA THR B 268 38.75 4.39 -30.22
C THR B 268 37.65 4.74 -31.22
N GLY B 269 37.60 6.00 -31.63
CA GLY B 269 36.62 6.44 -32.61
C GLY B 269 36.27 7.90 -32.40
N ASN B 270 35.43 8.39 -33.29
CA ASN B 270 34.97 9.77 -33.23
C ASN B 270 33.91 9.93 -32.15
N TYR B 271 33.38 11.14 -32.02
CA TYR B 271 32.35 11.41 -31.03
C TYR B 271 31.04 10.72 -31.41
N GLN B 272 30.41 10.09 -30.41
CA GLN B 272 29.16 9.36 -30.58
C GLN B 272 29.29 8.17 -31.52
N CYS B 273 30.52 7.69 -31.74
CA CYS B 273 30.76 6.49 -32.54
C CYS B 273 32.19 6.00 -32.34
N GLY B 274 32.36 5.00 -31.47
CA GLY B 274 33.68 4.47 -31.20
C GLY B 274 33.60 3.09 -30.58
N HIS B 275 34.76 2.58 -30.20
CA HIS B 275 34.88 1.26 -29.60
C HIS B 275 35.53 1.39 -28.23
N TYR B 276 34.97 0.70 -27.24
CA TYR B 276 35.46 0.74 -25.87
C TYR B 276 36.25 -0.52 -25.54
N LYS B 277 37.37 -0.33 -24.85
CA LYS B 277 38.17 -1.42 -24.31
C LYS B 277 38.54 -1.10 -22.86
N HIS B 278 38.56 -2.13 -22.02
CA HIS B 278 38.81 -1.97 -20.60
C HIS B 278 40.26 -2.35 -20.28
N ILE B 279 40.93 -1.51 -19.50
CA ILE B 279 42.32 -1.72 -19.11
C ILE B 279 42.37 -1.91 -17.60
N THR B 280 43.10 -2.94 -17.16
CA THR B 280 43.18 -3.29 -15.75
C THR B 280 44.63 -3.50 -15.36
N SER B 281 45.01 -3.00 -14.18
CA SER B 281 46.36 -3.10 -13.66
C SER B 281 46.35 -3.94 -12.39
N LYS B 282 46.10 -5.24 -12.54
CA LYS B 282 46.20 -6.16 -11.41
C LYS B 282 47.65 -6.47 -11.08
N GLU B 283 48.40 -6.96 -12.07
CA GLU B 283 49.84 -7.16 -11.94
C GLU B 283 50.54 -6.49 -13.11
N THR B 284 49.83 -6.37 -14.24
CA THR B 284 50.31 -5.69 -15.43
C THR B 284 49.11 -5.12 -16.16
N LEU B 285 49.33 -4.65 -17.39
CA LEU B 285 48.32 -3.88 -18.11
C LEU B 285 47.55 -4.82 -19.03
N TYR B 286 46.43 -5.34 -18.52
CA TYR B 286 45.54 -6.18 -19.31
C TYR B 286 44.55 -5.32 -20.08
N CYS B 287 44.26 -5.72 -21.32
CA CYS B 287 43.25 -5.07 -22.14
C CYS B 287 42.15 -6.07 -22.44
N ILE B 288 40.97 -5.84 -21.88
CA ILE B 288 39.85 -6.78 -21.97
C ILE B 288 38.82 -6.20 -22.93
N ASP B 289 38.72 -6.80 -24.11
CA ASP B 289 37.73 -6.42 -25.12
C ASP B 289 36.75 -7.58 -25.26
N GLY B 290 35.69 -7.55 -24.46
CA GLY B 290 34.74 -8.64 -24.42
C GLY B 290 35.33 -9.86 -23.76
N ALA B 291 35.37 -10.99 -24.48
CA ALA B 291 36.00 -12.20 -24.01
C ALA B 291 37.49 -12.25 -24.33
N LEU B 292 37.97 -11.38 -25.22
CA LEU B 292 39.37 -11.37 -25.62
C LEU B 292 40.21 -10.71 -24.52
N LEU B 293 41.28 -11.39 -24.12
CA LEU B 293 42.20 -10.90 -23.11
C LEU B 293 43.56 -10.61 -23.74
N THR B 294 44.16 -9.50 -23.35
CA THR B 294 45.45 -9.07 -23.88
C THR B 294 46.42 -8.81 -22.75
N LYS B 295 47.71 -9.02 -23.02
CA LYS B 295 48.78 -8.80 -22.06
C LYS B 295 49.73 -7.75 -22.60
N SER B 296 50.14 -6.81 -21.74
CA SER B 296 51.06 -5.76 -22.13
C SER B 296 51.72 -5.19 -20.89
N SER B 297 52.98 -4.76 -21.03
CA SER B 297 53.71 -4.15 -19.93
C SER B 297 53.46 -2.65 -19.85
N GLU B 298 53.61 -1.94 -20.96
CA GLU B 298 53.33 -0.51 -21.02
C GLU B 298 52.24 -0.25 -22.05
N TYR B 299 51.42 0.77 -21.79
CA TYR B 299 50.29 1.11 -22.63
C TYR B 299 50.30 2.61 -22.91
N LYS B 300 49.96 2.96 -24.15
CA LYS B 300 49.82 4.36 -24.54
C LYS B 300 48.77 4.42 -25.66
N GLY B 301 47.53 4.62 -25.26
CA GLY B 301 46.43 4.71 -26.20
C GLY B 301 45.44 5.80 -25.84
N PRO B 302 44.37 5.91 -26.62
CA PRO B 302 43.36 6.94 -26.35
C PRO B 302 42.51 6.62 -25.13
N ILE B 303 42.93 7.10 -23.96
CA ILE B 303 42.21 6.87 -22.72
C ILE B 303 41.29 8.04 -22.45
N THR B 304 40.06 7.75 -21.99
CA THR B 304 39.08 8.77 -21.68
C THR B 304 38.61 8.74 -20.23
N ASP B 305 38.70 7.60 -19.55
CA ASP B 305 38.32 7.48 -18.15
C ASP B 305 39.41 6.71 -17.42
N VAL B 306 39.82 7.21 -16.26
CA VAL B 306 40.81 6.54 -15.40
C VAL B 306 40.26 6.51 -13.98
N PHE B 307 40.37 5.36 -13.33
CA PHE B 307 39.85 5.14 -11.99
C PHE B 307 41.00 4.92 -11.02
N TYR B 308 40.93 5.58 -9.87
CA TYR B 308 41.97 5.50 -8.84
C TYR B 308 41.36 5.07 -7.52
N LYS B 309 42.19 4.46 -6.68
CA LYS B 309 41.80 4.13 -5.32
C LYS B 309 42.05 5.33 -4.41
N GLU B 310 41.30 5.39 -3.31
CA GLU B 310 41.37 6.53 -2.40
C GLU B 310 40.72 6.14 -1.08
N ASN B 311 41.15 6.83 -0.02
CA ASN B 311 40.57 6.64 1.31
CA ASN B 311 40.56 6.64 1.30
C ASN B 311 40.40 7.99 2.00
N SER B 312 41.47 8.77 2.05
CA SER B 312 41.45 10.09 2.66
C SER B 312 42.66 10.86 2.17
N TYR B 313 42.43 12.09 1.71
CA TYR B 313 43.49 12.93 1.17
C TYR B 313 43.32 14.36 1.65
N THR B 314 44.45 15.00 1.97
CA THR B 314 44.46 16.40 2.35
C THR B 314 45.71 17.04 1.76
N THR B 315 45.51 18.13 1.02
CA THR B 315 46.61 18.75 0.29
C THR B 315 47.58 19.43 1.25
N THR B 316 48.79 19.68 0.75
CA THR B 316 49.81 20.42 1.48
C THR B 316 49.93 21.86 1.00
N ILE B 317 49.14 22.25 0.01
CA ILE B 317 49.20 23.61 -0.52
C ILE B 317 48.54 24.56 0.48
N LYS B 318 49.31 25.52 0.98
CA LYS B 318 48.79 26.49 1.93
C LYS B 318 47.98 27.57 1.24
N SER C 1 -23.04 21.62 -29.89
CA SER C 1 -23.36 23.04 -29.79
C SER C 1 -22.21 23.81 -29.12
N ASN C 2 -22.23 23.87 -27.80
CA ASN C 2 -21.19 24.52 -27.02
C ASN C 2 -20.82 23.59 -25.85
N ALA C 3 -19.67 22.93 -25.98
CA ALA C 3 -19.23 21.99 -24.96
C ALA C 3 -18.62 22.72 -23.77
N GLU C 4 -18.63 22.05 -22.63
CA GLU C 4 -18.08 22.61 -21.40
C GLU C 4 -17.62 21.47 -20.50
N VAL C 5 -16.52 21.69 -19.78
CA VAL C 5 -15.99 20.72 -18.83
C VAL C 5 -15.90 21.44 -17.49
N ARG C 6 -16.88 21.21 -16.63
CA ARG C 6 -16.97 21.85 -15.34
C ARG C 6 -16.52 20.89 -14.24
N THR C 7 -15.57 21.33 -13.43
CA THR C 7 -15.01 20.51 -12.37
C THR C 7 -14.93 21.32 -11.08
N ILE C 8 -15.00 20.62 -9.95
CA ILE C 8 -14.75 21.18 -8.63
C ILE C 8 -13.75 20.29 -7.91
N LYS C 9 -13.21 20.82 -6.82
CA LYS C 9 -12.16 20.14 -6.06
C LYS C 9 -12.73 19.69 -4.72
N VAL C 10 -12.72 18.38 -4.48
CA VAL C 10 -13.22 17.80 -3.25
C VAL C 10 -12.15 16.87 -2.67
N PHE C 11 -12.41 16.39 -1.46
CA PHE C 11 -11.51 15.48 -0.75
C PHE C 11 -12.22 14.16 -0.48
N THR C 12 -11.56 13.06 -0.80
CA THR C 12 -12.03 11.73 -0.45
C THR C 12 -11.18 11.16 0.66
N THR C 13 -11.79 10.30 1.48
CA THR C 13 -11.09 9.72 2.62
C THR C 13 -11.84 8.48 3.08
N VAL C 14 -11.17 7.70 3.92
CA VAL C 14 -11.82 6.61 4.63
C VAL C 14 -11.79 6.79 6.14
N ASP C 15 -10.87 7.59 6.68
CA ASP C 15 -10.73 7.77 8.12
C ASP C 15 -10.96 9.21 8.57
N ASN C 16 -11.21 10.14 7.64
CA ASN C 16 -11.36 11.57 7.89
C ASN C 16 -10.09 12.20 8.45
N ILE C 17 -8.97 11.48 8.45
CA ILE C 17 -7.68 12.00 8.86
C ILE C 17 -6.79 12.26 7.65
N ASN C 18 -6.59 11.24 6.82
CA ASN C 18 -5.85 11.39 5.56
C ASN C 18 -6.83 11.75 4.45
N LEU C 19 -6.64 12.92 3.85
CA LEU C 19 -7.53 13.41 2.81
C LEU C 19 -6.82 13.37 1.46
N HIS C 20 -7.54 12.94 0.43
CA HIS C 20 -7.00 12.84 -0.91
C HIS C 20 -7.73 13.83 -1.82
N THR C 21 -6.97 14.68 -2.50
CA THR C 21 -7.55 15.70 -3.37
C THR C 21 -8.02 15.07 -4.68
N GLN C 22 -9.26 15.37 -5.06
CA GLN C 22 -9.86 14.82 -6.27
C GLN C 22 -10.50 15.95 -7.08
N VAL C 23 -10.37 15.86 -8.40
CA VAL C 23 -11.01 16.78 -9.32
C VAL C 23 -12.13 16.00 -10.01
N VAL C 24 -13.37 16.29 -9.64
CA VAL C 24 -14.52 15.53 -10.10
C VAL C 24 -15.18 16.26 -11.26
N ASP C 25 -15.69 15.49 -12.21
CA ASP C 25 -16.49 16.04 -13.30
C ASP C 25 -17.93 16.24 -12.82
N MET C 26 -18.44 17.46 -12.97
CA MET C 26 -19.77 17.78 -12.47
C MET C 26 -20.87 17.13 -13.31
N SER C 27 -20.56 16.65 -14.51
CA SER C 27 -21.53 16.00 -15.36
C SER C 27 -21.71 14.52 -15.04
N MET C 28 -21.02 14.01 -14.02
CA MET C 28 -21.11 12.61 -13.62
C MET C 28 -21.37 12.54 -12.12
N THR C 29 -22.18 11.57 -11.71
CA THR C 29 -22.45 11.39 -10.29
C THR C 29 -21.19 10.93 -9.56
N TYR C 30 -21.23 11.01 -8.23
CA TYR C 30 -20.09 10.56 -7.43
C TYR C 30 -19.89 9.06 -7.55
N GLY C 31 -20.97 8.30 -7.79
CA GLY C 31 -20.85 6.86 -7.90
C GLY C 31 -20.08 6.43 -9.14
N GLN C 32 -20.19 7.19 -10.23
CA GLN C 32 -19.46 6.86 -11.45
C GLN C 32 -17.97 7.12 -11.32
N GLN C 33 -17.57 8.00 -10.41
CA GLN C 33 -16.16 8.38 -10.25
C GLN C 33 -15.51 7.79 -9.02
N PHE C 34 -16.26 7.54 -7.95
CA PHE C 34 -15.73 7.00 -6.71
C PHE C 34 -16.40 5.72 -6.25
N GLY C 35 -17.57 5.38 -6.78
CA GLY C 35 -18.38 4.32 -6.23
C GLY C 35 -19.28 4.86 -5.14
N PRO C 36 -19.68 3.98 -4.21
CA PRO C 36 -20.52 4.44 -3.07
C PRO C 36 -19.85 5.55 -2.28
N THR C 37 -20.39 6.76 -2.37
CA THR C 37 -19.81 7.94 -1.73
C THR C 37 -20.78 8.49 -0.69
N TYR C 38 -20.23 8.95 0.43
CA TYR C 38 -21.02 9.48 1.53
C TYR C 38 -20.47 10.83 1.96
N LEU C 39 -21.38 11.70 2.40
CA LEU C 39 -21.04 13.03 2.92
C LEU C 39 -21.70 13.18 4.28
N ASP C 40 -20.91 13.06 5.34
CA ASP C 40 -21.42 13.06 6.71
C ASP C 40 -22.50 11.99 6.91
N GLY C 41 -22.26 10.81 6.34
CA GLY C 41 -23.20 9.72 6.38
C GLY C 41 -24.27 9.76 5.31
N ALA C 42 -24.53 10.92 4.70
CA ALA C 42 -25.54 11.00 3.67
C ALA C 42 -25.04 10.38 2.37
N ASP C 43 -25.81 9.44 1.84
CA ASP C 43 -25.43 8.74 0.60
C ASP C 43 -25.54 9.70 -0.57
N VAL C 44 -24.41 10.06 -1.17
CA VAL C 44 -24.38 10.98 -2.29
C VAL C 44 -23.92 10.24 -3.55
N THR C 45 -24.19 8.93 -3.60
CA THR C 45 -23.74 8.13 -4.73
C THR C 45 -24.41 8.56 -6.03
N LYS C 46 -25.74 8.70 -6.01
CA LYS C 46 -26.50 9.06 -7.19
C LYS C 46 -26.71 10.57 -7.32
N ILE C 47 -25.71 11.36 -6.92
CA ILE C 47 -25.80 12.81 -6.95
C ILE C 47 -24.56 13.36 -7.64
N LYS C 48 -24.76 14.30 -8.55
CA LYS C 48 -23.65 14.97 -9.23
C LYS C 48 -23.05 16.04 -8.33
N PRO C 49 -21.78 16.38 -8.53
CA PRO C 49 -21.16 17.43 -7.71
C PRO C 49 -21.78 18.78 -7.97
N HIS C 50 -21.99 19.53 -6.90
CA HIS C 50 -22.51 20.89 -6.96
C HIS C 50 -21.41 21.87 -6.56
N ASN C 51 -21.70 23.16 -6.76
CA ASN C 51 -20.73 24.19 -6.40
C ASN C 51 -20.52 24.28 -4.89
N SER C 52 -21.56 23.97 -4.11
CA SER C 52 -21.43 23.99 -2.66
C SER C 52 -20.58 22.85 -2.13
N HIS C 53 -20.25 21.86 -2.96
CA HIS C 53 -19.40 20.75 -2.56
C HIS C 53 -17.91 21.08 -2.66
N GLU C 54 -17.56 22.26 -3.14
CA GLU C 54 -16.16 22.63 -3.31
C GLU C 54 -15.41 22.60 -1.98
N GLY C 55 -14.34 21.81 -1.93
CA GLY C 55 -13.53 21.71 -0.74
C GLY C 55 -14.06 20.81 0.35
N LYS C 56 -15.22 20.20 0.15
CA LYS C 56 -15.78 19.34 1.18
C LYS C 56 -15.13 17.97 1.15
N THR C 57 -15.33 17.22 2.24
CA THR C 57 -14.70 15.93 2.44
C THR C 57 -15.75 14.83 2.30
N PHE C 58 -15.52 13.90 1.39
CA PHE C 58 -16.45 12.80 1.13
C PHE C 58 -15.82 11.48 1.53
N TYR C 59 -16.66 10.56 2.01
CA TYR C 59 -16.24 9.21 2.36
C TYR C 59 -16.37 8.29 1.16
N VAL C 60 -15.41 7.36 1.03
CA VAL C 60 -15.40 6.38 -0.05
C VAL C 60 -15.06 5.02 0.57
N LEU C 61 -15.33 3.97 -0.21
CA LEU C 61 -15.08 2.64 0.32
C LEU C 61 -13.65 2.20 0.07
N PRO C 62 -13.06 1.43 1.00
CA PRO C 62 -11.68 0.96 0.82
C PRO C 62 -11.55 -0.11 -0.25
N ASN C 63 -11.75 0.27 -1.52
CA ASN C 63 -11.50 -0.61 -2.66
C ASN C 63 -10.17 -0.31 -3.32
N ASP C 64 -9.22 0.23 -2.56
CA ASP C 64 -7.89 0.57 -3.05
C ASP C 64 -6.86 0.10 -2.03
N ASP C 65 -5.69 -0.29 -2.52
CA ASP C 65 -4.64 -0.77 -1.61
C ASP C 65 -4.20 0.32 -0.65
N THR C 66 -4.18 1.57 -1.11
CA THR C 66 -3.85 2.68 -0.22
C THR C 66 -4.97 2.92 0.79
N LEU C 67 -6.22 2.93 0.32
CA LEU C 67 -7.35 3.18 1.21
C LEU C 67 -7.58 2.03 2.18
N ARG C 68 -7.21 0.80 1.79
CA ARG C 68 -7.37 -0.33 2.69
C ARG C 68 -6.41 -0.24 3.87
N VAL C 69 -5.18 0.24 3.62
CA VAL C 69 -4.23 0.41 4.70
C VAL C 69 -4.69 1.47 5.68
N GLU C 70 -5.15 2.61 5.15
CA GLU C 70 -5.65 3.68 6.01
C GLU C 70 -6.88 3.22 6.79
N ALA C 71 -7.72 2.38 6.19
CA ALA C 71 -8.88 1.87 6.91
C ALA C 71 -8.49 0.90 8.03
N PHE C 72 -7.39 0.16 7.85
CA PHE C 72 -6.97 -0.79 8.87
C PHE C 72 -6.24 -0.12 10.03
N GLU C 73 -5.61 1.04 9.79
CA GLU C 73 -4.93 1.74 10.87
C GLU C 73 -5.88 2.55 11.73
N TYR C 74 -7.10 2.82 11.25
CA TYR C 74 -8.09 3.59 11.98
C TYR C 74 -9.21 2.73 12.53
N TYR C 75 -9.79 1.86 11.69
CA TYR C 75 -10.89 1.00 12.11
C TYR C 75 -10.44 -0.41 12.47
N HIS C 76 -9.19 -0.77 12.18
CA HIS C 76 -8.68 -2.14 12.35
C HIS C 76 -9.47 -3.14 11.51
N THR C 77 -9.93 -2.71 10.35
CA THR C 77 -10.62 -3.60 9.41
C THR C 77 -10.53 -3.01 8.01
N THR C 78 -10.14 -3.84 7.04
CA THR C 78 -10.01 -3.42 5.65
C THR C 78 -11.27 -3.71 4.84
N ASP C 79 -12.35 -4.11 5.49
CA ASP C 79 -13.55 -4.55 4.78
C ASP C 79 -14.38 -3.35 4.36
N PRO C 80 -14.68 -3.18 3.07
CA PRO C 80 -15.50 -2.03 2.65
C PRO C 80 -16.94 -2.08 3.14
N SER C 81 -17.43 -3.25 3.57
CA SER C 81 -18.79 -3.32 4.10
C SER C 81 -18.91 -2.65 5.45
N PHE C 82 -17.82 -2.61 6.24
CA PHE C 82 -17.86 -1.96 7.54
C PHE C 82 -18.09 -0.46 7.40
N LEU C 83 -17.39 0.18 6.46
CA LEU C 83 -17.53 1.62 6.29
C LEU C 83 -18.92 1.98 5.79
N GLY C 84 -19.51 1.12 4.96
CA GLY C 84 -20.89 1.35 4.53
C GLY C 84 -21.88 1.26 5.68
N ARG C 85 -21.64 0.32 6.61
CA ARG C 85 -22.50 0.23 7.78
C ARG C 85 -22.29 1.41 8.72
N TYR C 86 -21.05 1.87 8.84
CA TYR C 86 -20.77 3.03 9.68
C TYR C 86 -21.39 4.29 9.09
N MET C 87 -21.36 4.43 7.76
CA MET C 87 -21.97 5.58 7.12
C MET C 87 -23.48 5.49 7.13
N SER C 88 -24.04 4.29 6.97
CA SER C 88 -25.48 4.13 6.98
C SER C 88 -26.05 4.41 8.38
N ALA C 89 -25.35 3.97 9.42
CA ALA C 89 -25.83 4.23 10.79
C ALA C 89 -25.64 5.70 11.16
N LEU C 90 -24.51 6.30 10.77
CA LEU C 90 -24.23 7.68 11.11
C LEU C 90 -25.26 8.64 10.53
N ASN C 91 -25.98 8.24 9.49
CA ASN C 91 -27.03 9.09 8.93
C ASN C 91 -28.14 9.31 9.94
N HIS C 92 -28.60 8.25 10.58
CA HIS C 92 -29.62 8.37 11.62
C HIS C 92 -29.01 8.71 12.98
N THR C 93 -27.77 8.27 13.22
CA THR C 93 -27.16 8.45 14.54
C THR C 93 -26.83 9.91 14.81
N LYS C 94 -26.50 10.69 13.77
CA LYS C 94 -26.24 12.11 13.96
C LYS C 94 -27.51 12.88 14.30
N LYS C 95 -28.68 12.38 13.93
CA LYS C 95 -29.94 13.04 14.22
C LYS C 95 -30.45 12.74 15.63
N TRP C 96 -29.76 11.88 16.38
CA TRP C 96 -30.16 11.58 17.75
C TRP C 96 -29.71 12.69 18.69
N LYS C 97 -30.52 12.93 19.72
CA LYS C 97 -30.18 13.90 20.76
C LYS C 97 -29.52 13.18 21.93
N TYR C 98 -28.40 13.73 22.40
CA TYR C 98 -27.60 13.13 23.46
C TYR C 98 -27.55 14.07 24.65
N PRO C 99 -28.52 13.99 25.56
CA PRO C 99 -28.49 14.85 26.75
C PRO C 99 -27.62 14.26 27.85
N GLN C 100 -27.23 15.14 28.77
CA GLN C 100 -26.36 14.78 29.89
C GLN C 100 -27.24 14.45 31.09
N VAL C 101 -27.29 13.18 31.45
CA VAL C 101 -28.10 12.69 32.57
C VAL C 101 -27.16 12.24 33.66
N ASN C 102 -27.22 12.92 34.81
CA ASN C 102 -26.37 12.63 35.97
C ASN C 102 -24.89 12.65 35.58
N GLY C 103 -24.51 13.69 34.85
CA GLY C 103 -23.13 13.87 34.43
C GLY C 103 -22.65 12.85 33.43
N LEU C 104 -23.59 12.07 32.88
CA LEU C 104 -23.27 11.03 31.90
C LEU C 104 -24.02 11.29 30.61
N THR C 105 -23.38 10.93 29.50
CA THR C 105 -23.98 11.11 28.19
C THR C 105 -24.94 9.96 27.90
N SER C 106 -26.21 10.30 27.69
CA SER C 106 -27.26 9.34 27.38
C SER C 106 -27.83 9.61 26.00
N ILE C 107 -28.84 8.83 25.62
CA ILE C 107 -29.47 8.93 24.30
C ILE C 107 -30.96 9.02 24.49
N LYS C 108 -31.57 10.09 23.98
CA LYS C 108 -33.02 10.17 23.94
C LYS C 108 -33.57 9.09 23.03
N TRP C 109 -34.67 8.46 23.44
CA TRP C 109 -35.15 7.26 22.77
C TRP C 109 -35.54 7.56 21.32
N ALA C 110 -35.04 6.72 20.41
CA ALA C 110 -35.35 6.80 18.98
C ALA C 110 -34.83 5.56 18.28
N ASP C 111 -35.66 4.93 17.45
CA ASP C 111 -35.27 3.75 16.67
C ASP C 111 -34.80 2.61 17.57
N ASN C 112 -35.44 2.48 18.73
CA ASN C 112 -35.16 1.40 19.68
C ASN C 112 -33.69 1.39 20.10
N ASN C 113 -33.22 2.54 20.60
CA ASN C 113 -31.84 2.69 21.04
C ASN C 113 -31.69 2.49 22.55
N CYS C 114 -32.57 1.71 23.16
CA CYS C 114 -32.49 1.50 24.61
C CYS C 114 -31.24 0.72 24.99
N TYR C 115 -30.91 -0.33 24.22
CA TYR C 115 -29.71 -1.10 24.53
C TYR C 115 -28.45 -0.33 24.18
N LEU C 116 -28.51 0.58 23.21
CA LEU C 116 -27.36 1.42 22.89
C LEU C 116 -27.13 2.47 23.98
N ALA C 117 -28.20 3.05 24.51
CA ALA C 117 -28.06 4.04 25.57
C ALA C 117 -27.55 3.41 26.85
N THR C 118 -28.07 2.24 27.21
CA THR C 118 -27.60 1.55 28.41
C THR C 118 -26.13 1.15 28.28
N ALA C 119 -25.74 0.61 27.12
CA ALA C 119 -24.34 0.27 26.90
C ALA C 119 -23.46 1.51 26.86
N LEU C 120 -24.02 2.64 26.45
CA LEU C 120 -23.25 3.89 26.43
C LEU C 120 -22.98 4.39 27.84
N LEU C 121 -24.02 4.44 28.69
CA LEU C 121 -23.84 4.87 30.06
C LEU C 121 -22.91 3.94 30.83
N THR C 122 -22.95 2.63 30.52
CA THR C 122 -22.08 1.68 31.19
C THR C 122 -20.62 1.88 30.80
N LEU C 123 -20.35 2.09 29.51
CA LEU C 123 -18.98 2.27 29.03
C LEU C 123 -18.27 3.43 29.71
N GLN C 124 -19.02 4.46 30.12
CA GLN C 124 -18.40 5.60 30.80
C GLN C 124 -18.00 5.28 32.24
N GLN C 125 -18.71 4.36 32.89
CA GLN C 125 -18.43 4.04 34.30
C GLN C 125 -17.30 3.04 34.46
N ILE C 126 -16.95 2.30 33.42
CA ILE C 126 -15.94 1.25 33.50
C ILE C 126 -14.67 1.70 32.80
N GLU C 127 -13.55 1.13 33.23
CA GLU C 127 -12.23 1.48 32.72
C GLU C 127 -11.82 0.48 31.65
N LEU C 128 -11.67 0.96 30.41
CA LEU C 128 -11.18 0.13 29.32
C LEU C 128 -10.69 1.04 28.21
N LYS C 129 -9.69 0.56 27.48
CA LYS C 129 -9.15 1.27 26.32
C LYS C 129 -9.40 0.45 25.07
N PHE C 130 -9.62 1.15 23.96
CA PHE C 130 -9.87 0.51 22.67
C PHE C 130 -8.58 0.44 21.86
N ASN C 131 -8.49 -0.59 21.02
CA ASN C 131 -7.34 -0.77 20.14
C ASN C 131 -7.46 0.08 18.88
N PRO C 132 -8.59 0.07 18.16
CA PRO C 132 -8.71 0.92 16.97
C PRO C 132 -8.81 2.38 17.35
N PRO C 133 -8.03 3.26 16.71
CA PRO C 133 -8.13 4.69 17.02
C PRO C 133 -9.50 5.28 16.72
N ALA C 134 -10.30 4.64 15.86
CA ALA C 134 -11.64 5.14 15.59
C ALA C 134 -12.49 5.12 16.85
N LEU C 135 -12.45 4.02 17.61
CA LEU C 135 -13.19 3.95 18.85
C LEU C 135 -12.55 4.82 19.93
N GLN C 136 -11.23 5.03 19.87
CA GLN C 136 -10.56 5.89 20.84
C GLN C 136 -11.01 7.33 20.68
N ASP C 137 -11.02 7.84 19.45
CA ASP C 137 -11.40 9.22 19.21
C ASP C 137 -12.90 9.43 19.38
N ALA C 138 -13.71 8.44 18.97
CA ALA C 138 -15.15 8.57 19.13
C ALA C 138 -15.57 8.48 20.59
N TYR C 139 -14.80 7.76 21.42
CA TYR C 139 -15.11 7.70 22.84
C TYR C 139 -14.88 9.05 23.51
N TYR C 140 -13.79 9.73 23.16
CA TYR C 140 -13.51 11.04 23.75
C TYR C 140 -14.62 12.03 23.42
N ARG C 141 -15.06 12.04 22.15
CA ARG C 141 -16.15 12.93 21.76
C ARG C 141 -17.46 12.53 22.40
N ALA C 142 -17.71 11.22 22.52
CA ALA C 142 -18.95 10.76 23.15
C ALA C 142 -19.01 11.17 24.61
N ARG C 143 -17.86 11.30 25.28
CA ARG C 143 -17.85 11.77 26.66
C ARG C 143 -18.22 13.25 26.74
N ALA C 144 -17.84 14.04 25.75
CA ALA C 144 -18.16 15.46 25.70
C ALA C 144 -19.55 15.72 25.11
N GLY C 145 -20.38 14.70 24.95
CA GLY C 145 -21.70 14.85 24.40
C GLY C 145 -21.83 14.58 22.92
N GLU C 146 -20.73 14.29 22.24
CA GLU C 146 -20.75 14.03 20.79
C GLU C 146 -20.72 12.52 20.55
N ALA C 147 -21.81 11.86 20.93
CA ALA C 147 -21.93 10.41 20.85
C ALA C 147 -22.45 9.93 19.51
N ALA C 148 -22.55 10.81 18.50
CA ALA C 148 -23.07 10.39 17.20
C ALA C 148 -22.11 9.43 16.51
N ASN C 149 -20.82 9.78 16.46
CA ASN C 149 -19.85 8.92 15.80
C ASN C 149 -19.56 7.65 16.59
N PHE C 150 -19.83 7.65 17.90
CA PHE C 150 -19.54 6.46 18.70
C PHE C 150 -20.62 5.40 18.54
N CYS C 151 -21.90 5.79 18.63
CA CYS C 151 -22.97 4.83 18.46
C CYS C 151 -23.02 4.28 17.04
N ALA C 152 -22.63 5.09 16.05
CA ALA C 152 -22.58 4.59 14.68
C ALA C 152 -21.45 3.57 14.51
N LEU C 153 -20.33 3.77 15.21
CA LEU C 153 -19.25 2.80 15.17
C LEU C 153 -19.63 1.52 15.90
N ILE C 154 -20.41 1.62 16.97
CA ILE C 154 -20.81 0.44 17.72
C ILE C 154 -21.74 -0.45 16.89
N LEU C 155 -22.72 0.17 16.22
CA LEU C 155 -23.64 -0.59 15.39
C LEU C 155 -22.91 -1.33 14.26
N ALA C 156 -21.86 -0.70 13.72
CA ALA C 156 -21.11 -1.31 12.62
C ALA C 156 -20.20 -2.43 13.10
N TYR C 157 -19.52 -2.22 14.24
CA TYR C 157 -18.66 -3.26 14.77
C TYR C 157 -19.46 -4.47 15.24
N CYS C 158 -20.69 -4.27 15.68
CA CYS C 158 -21.57 -5.35 16.10
C CYS C 158 -22.38 -5.93 14.95
N ASN C 159 -22.27 -5.35 13.75
CA ASN C 159 -22.97 -5.82 12.56
C ASN C 159 -24.49 -5.80 12.77
N LYS C 160 -24.98 -4.70 13.35
CA LYS C 160 -26.41 -4.47 13.50
C LYS C 160 -26.76 -3.10 12.92
N THR C 161 -27.97 -2.99 12.41
CA THR C 161 -28.44 -1.76 11.79
C THR C 161 -29.28 -0.95 12.77
N VAL C 162 -29.59 0.28 12.35
CA VAL C 162 -30.44 1.15 13.16
C VAL C 162 -31.86 0.59 13.17
N GLY C 163 -32.45 0.51 14.36
CA GLY C 163 -33.77 -0.03 14.55
C GLY C 163 -33.81 -1.46 15.05
N GLU C 164 -32.75 -2.23 14.82
CA GLU C 164 -32.70 -3.59 15.31
C GLU C 164 -32.59 -3.62 16.84
N LEU C 165 -33.34 -4.52 17.46
CA LEU C 165 -33.26 -4.71 18.90
C LEU C 165 -32.00 -5.49 19.23
N GLY C 166 -31.21 -4.95 20.15
CA GLY C 166 -29.94 -5.59 20.49
C GLY C 166 -29.84 -6.00 21.95
N ASP C 167 -28.94 -6.93 22.23
CA ASP C 167 -28.68 -7.40 23.59
C ASP C 167 -27.45 -6.66 24.14
N VAL C 168 -27.59 -6.08 25.32
CA VAL C 168 -26.47 -5.33 25.92
C VAL C 168 -25.31 -6.27 26.21
N ARG C 169 -25.60 -7.50 26.63
CA ARG C 169 -24.54 -8.45 26.92
C ARG C 169 -23.75 -8.79 25.66
N GLU C 170 -24.45 -9.02 24.54
CA GLU C 170 -23.76 -9.31 23.29
C GLU C 170 -23.10 -8.06 22.72
N THR C 171 -23.65 -6.89 23.02
CA THR C 171 -23.04 -5.65 22.53
C THR C 171 -21.70 -5.39 23.20
N MET C 172 -21.66 -5.47 24.54
CA MET C 172 -20.39 -5.28 25.25
C MET C 172 -19.37 -6.35 24.87
N SER C 173 -19.83 -7.55 24.51
CA SER C 173 -18.91 -8.61 24.13
C SER C 173 -18.15 -8.26 22.85
N TYR C 174 -18.82 -7.62 21.90
CA TYR C 174 -18.13 -7.17 20.69
C TYR C 174 -17.19 -6.02 20.98
N LEU C 175 -17.56 -5.12 21.89
CA LEU C 175 -16.70 -4.00 22.22
C LEU C 175 -15.48 -4.45 23.01
N PHE C 176 -15.67 -5.41 23.93
CA PHE C 176 -14.52 -5.96 24.66
C PHE C 176 -13.57 -6.70 23.71
N GLN C 177 -14.11 -7.28 22.63
CA GLN C 177 -13.27 -7.94 21.64
C GLN C 177 -12.30 -6.95 20.99
N HIS C 178 -12.78 -5.74 20.70
CA HIS C 178 -11.92 -4.71 20.12
C HIS C 178 -11.14 -3.93 21.17
N ALA C 179 -11.62 -3.88 22.41
CA ALA C 179 -10.87 -3.23 23.47
C ALA C 179 -9.66 -4.07 23.86
N ASN C 180 -8.65 -3.40 24.43
CA ASN C 180 -7.42 -4.07 24.85
C ASN C 180 -7.60 -4.57 26.28
N LEU C 181 -8.08 -5.80 26.40
CA LEU C 181 -8.19 -6.47 27.68
C LEU C 181 -7.11 -7.55 27.82
N ASP C 182 -5.91 -7.24 27.32
CA ASP C 182 -4.83 -8.24 27.30
C ASP C 182 -4.33 -8.54 28.70
N SER C 183 -4.19 -7.51 29.54
CA SER C 183 -3.69 -7.69 30.89
C SER C 183 -4.71 -8.35 31.81
N CYS C 184 -5.94 -8.55 31.36
CA CYS C 184 -6.95 -9.20 32.19
C CYS C 184 -6.63 -10.68 32.35
N LYS C 185 -6.83 -11.20 33.55
CA LYS C 185 -6.49 -12.58 33.87
C LYS C 185 -7.45 -13.09 34.93
N ARG C 186 -8.14 -14.19 34.64
CA ARG C 186 -9.09 -14.80 35.55
C ARG C 186 -8.76 -16.27 35.73
N VAL C 187 -8.47 -16.66 36.96
CA VAL C 187 -8.19 -18.06 37.30
C VAL C 187 -9.31 -18.56 38.20
N LEU C 188 -9.83 -19.74 37.89
CA LEU C 188 -10.92 -20.33 38.66
C LEU C 188 -10.77 -21.84 38.66
N ASN C 189 -11.06 -22.45 39.81
CA ASN C 189 -10.95 -23.89 39.98
C ASN C 189 -12.34 -24.51 40.09
N VAL C 190 -12.50 -25.69 39.52
CA VAL C 190 -13.75 -26.45 39.59
C VAL C 190 -13.42 -27.76 40.30
N VAL C 191 -13.77 -27.84 41.58
CA VAL C 191 -13.48 -29.03 42.37
C VAL C 191 -14.56 -30.08 42.12
N CYS C 192 -14.17 -31.35 42.17
CA CYS C 192 -15.08 -32.46 41.93
C CYS C 192 -14.90 -33.50 43.02
N LYS C 193 -15.83 -34.45 43.05
CA LYS C 193 -15.75 -35.53 44.03
C LYS C 193 -14.71 -36.58 43.61
N THR C 194 -14.92 -37.19 42.45
CA THR C 194 -13.96 -38.17 41.94
C THR C 194 -12.72 -37.49 41.39
N CYS C 195 -12.90 -36.46 40.56
CA CYS C 195 -11.79 -35.71 40.02
C CYS C 195 -11.29 -34.68 41.04
N GLY C 196 -10.09 -34.17 40.79
CA GLY C 196 -9.49 -33.20 41.68
C GLY C 196 -9.93 -31.77 41.38
N GLN C 197 -8.96 -30.87 41.19
CA GLN C 197 -9.24 -29.48 40.86
C GLN C 197 -9.01 -29.25 39.38
N GLN C 198 -9.90 -28.48 38.77
CA GLN C 198 -9.80 -28.09 37.36
C GLN C 198 -9.50 -26.60 37.32
N GLN C 199 -8.22 -26.26 37.25
CA GLN C 199 -7.77 -24.88 37.24
C GLN C 199 -7.66 -24.40 35.80
N THR C 200 -8.59 -23.55 35.39
CA THR C 200 -8.62 -22.99 34.04
C THR C 200 -8.34 -21.49 34.13
N THR C 201 -7.32 -21.03 33.40
CA THR C 201 -7.01 -19.61 33.35
C THR C 201 -7.74 -18.98 32.17
N LEU C 202 -8.27 -17.79 32.39
CA LEU C 202 -9.05 -17.07 31.40
C LEU C 202 -8.44 -15.69 31.17
N LYS C 203 -8.35 -15.30 29.90
CA LYS C 203 -7.78 -14.01 29.51
C LYS C 203 -8.70 -13.34 28.50
N GLY C 204 -8.38 -12.09 28.18
CA GLY C 204 -9.16 -11.37 27.18
C GLY C 204 -10.56 -11.05 27.68
N VAL C 205 -11.54 -11.18 26.78
CA VAL C 205 -12.92 -10.88 27.13
C VAL C 205 -13.47 -11.92 28.12
N GLU C 206 -12.99 -13.17 28.04
CA GLU C 206 -13.47 -14.19 28.95
C GLU C 206 -13.11 -13.89 30.40
N ALA C 207 -12.03 -13.16 30.64
CA ALA C 207 -11.60 -12.86 32.00
C ALA C 207 -12.47 -11.81 32.68
N VAL C 208 -13.43 -11.21 31.97
CA VAL C 208 -14.28 -10.17 32.51
C VAL C 208 -15.75 -10.60 32.51
N MET C 209 -16.22 -11.14 31.39
CA MET C 209 -17.62 -11.53 31.28
C MET C 209 -17.86 -12.88 31.96
N TYR C 210 -19.11 -13.10 32.37
CA TYR C 210 -19.50 -14.34 33.03
C TYR C 210 -21.01 -14.49 33.05
N MET C 211 -21.52 -15.55 32.44
CA MET C 211 -22.94 -15.88 32.50
C MET C 211 -23.19 -16.87 33.63
N GLY C 212 -24.24 -16.62 34.40
CA GLY C 212 -24.58 -17.50 35.51
C GLY C 212 -25.09 -16.80 36.75
N THR C 213 -24.28 -15.94 37.34
CA THR C 213 -24.62 -15.28 38.60
C THR C 213 -24.50 -13.77 38.43
N LEU C 214 -25.56 -13.05 38.79
CA LEU C 214 -25.49 -11.58 38.79
C LEU C 214 -24.69 -11.07 39.97
N SER C 215 -24.63 -11.84 41.06
CA SER C 215 -23.90 -11.45 42.26
C SER C 215 -22.44 -11.85 42.12
N TYR C 216 -21.54 -10.87 42.26
CA TYR C 216 -20.11 -11.17 42.26
C TYR C 216 -19.71 -12.00 43.46
N GLU C 217 -20.41 -11.82 44.59
CA GLU C 217 -20.03 -12.54 45.82
C GLU C 217 -20.24 -14.04 45.68
N GLN C 218 -21.21 -14.47 44.87
CA GLN C 218 -21.46 -15.90 44.69
C GLN C 218 -20.29 -16.56 43.97
N PHE C 219 -19.78 -15.92 42.90
CA PHE C 219 -18.65 -16.45 42.16
C PHE C 219 -17.38 -16.50 42.98
N LYS C 220 -17.25 -15.66 44.02
CA LYS C 220 -16.08 -15.70 44.90
C LYS C 220 -16.15 -16.85 45.89
N LYS C 221 -17.25 -16.96 46.65
CA LYS C 221 -17.40 -18.03 47.63
C LYS C 221 -17.42 -19.39 46.95
N GLY C 222 -18.26 -19.54 45.92
CA GLY C 222 -18.37 -20.78 45.20
C GLY C 222 -19.66 -20.89 44.41
N VAL C 223 -19.59 -21.50 43.23
CA VAL C 223 -20.75 -21.64 42.35
C VAL C 223 -20.81 -23.08 41.86
N GLN C 224 -22.02 -23.58 41.67
CA GLN C 224 -22.23 -24.95 41.23
C GLN C 224 -22.31 -25.01 39.70
N PRO C 226 -21.88 -28.06 37.10
CA PRO C 226 -21.64 -29.42 36.61
C PRO C 226 -20.18 -29.68 36.29
N CYS C 227 -19.80 -30.96 36.23
CA CYS C 227 -18.44 -31.39 35.93
C CYS C 227 -18.43 -32.15 34.61
N THR C 228 -17.22 -32.53 34.16
CA THR C 228 -17.09 -33.31 32.94
C THR C 228 -17.62 -34.72 33.10
N CYS C 229 -17.70 -35.22 34.33
CA CYS C 229 -18.23 -36.55 34.60
C CYS C 229 -19.75 -36.55 34.79
N GLY C 230 -20.40 -35.40 34.72
CA GLY C 230 -21.84 -35.31 34.92
C GLY C 230 -22.27 -35.07 36.35
N LYS C 231 -21.35 -35.08 37.30
CA LYS C 231 -21.67 -34.84 38.70
C LYS C 231 -21.51 -33.36 39.03
N GLN C 232 -22.23 -32.93 40.07
CA GLN C 232 -22.21 -31.53 40.46
C GLN C 232 -20.83 -31.14 40.99
N ALA C 233 -20.35 -29.98 40.55
CA ALA C 233 -19.03 -29.49 40.93
C ALA C 233 -19.15 -28.05 41.42
N THR C 234 -18.17 -27.64 42.22
CA THR C 234 -18.11 -26.30 42.78
C THR C 234 -17.03 -25.51 42.07
N LYS C 235 -17.40 -24.37 41.49
CA LYS C 235 -16.48 -23.49 40.78
C LYS C 235 -16.38 -22.17 41.53
N TYR C 236 -15.19 -21.87 42.05
CA TYR C 236 -14.95 -20.64 42.80
C TYR C 236 -13.85 -19.84 42.11
N LEU C 237 -14.02 -18.52 42.11
CA LEU C 237 -13.04 -17.62 41.49
C LEU C 237 -11.77 -17.61 42.34
N VAL C 238 -10.67 -18.10 41.77
CA VAL C 238 -9.40 -18.14 42.48
C VAL C 238 -8.75 -16.77 42.45
N GLN C 239 -8.37 -16.31 41.27
CA GLN C 239 -7.67 -15.04 41.09
C GLN C 239 -8.37 -14.23 40.01
N GLN C 240 -8.42 -12.91 40.22
CA GLN C 240 -9.03 -11.99 39.26
C GLN C 240 -8.14 -10.76 39.15
N GLU C 241 -7.66 -10.49 37.93
CA GLU C 241 -6.78 -9.35 37.66
C GLU C 241 -7.40 -8.54 36.52
N SER C 242 -8.32 -7.63 36.87
CA SER C 242 -8.98 -6.81 35.87
C SER C 242 -9.47 -5.53 36.52
N PRO C 243 -9.51 -4.42 35.79
CA PRO C 243 -10.05 -3.18 36.37
C PRO C 243 -11.54 -3.26 36.70
N PHE C 244 -12.26 -4.24 36.14
CA PHE C 244 -13.67 -4.42 36.45
C PHE C 244 -14.05 -5.85 36.05
N VAL C 245 -15.25 -6.25 36.48
CA VAL C 245 -15.81 -7.55 36.13
C VAL C 245 -17.28 -7.37 35.76
N MET C 246 -17.74 -8.17 34.81
CA MET C 246 -19.12 -8.14 34.35
C MET C 246 -19.80 -9.44 34.76
N MET C 247 -20.94 -9.31 35.43
CA MET C 247 -21.74 -10.44 35.88
C MET C 247 -23.12 -10.32 35.26
N SER C 248 -23.42 -11.22 34.32
CA SER C 248 -24.70 -11.22 33.61
C SER C 248 -25.38 -12.56 33.77
N ALA C 249 -26.71 -12.54 33.65
CA ALA C 249 -27.53 -13.73 33.82
C ALA C 249 -28.90 -13.46 33.22
N PRO C 250 -29.71 -14.48 33.02
CA PRO C 250 -31.09 -14.25 32.57
C PRO C 250 -31.82 -13.30 33.48
N PRO C 251 -32.82 -12.58 32.98
CA PRO C 251 -33.51 -11.57 33.80
C PRO C 251 -34.14 -12.18 35.04
N ALA C 252 -33.76 -11.65 36.20
CA ALA C 252 -34.28 -12.12 37.48
C ALA C 252 -34.59 -10.91 38.36
N GLN C 253 -35.63 -11.04 39.17
CA GLN C 253 -36.03 -9.99 40.10
C GLN C 253 -34.94 -9.84 41.15
N TYR C 254 -34.05 -8.87 40.97
CA TYR C 254 -32.89 -8.68 41.82
C TYR C 254 -33.02 -7.38 42.60
N GLU C 255 -32.62 -7.42 43.86
CA GLU C 255 -32.63 -6.26 44.74
C GLU C 255 -31.21 -5.72 44.84
N LEU C 256 -30.95 -4.59 44.18
CA LEU C 256 -29.63 -3.98 44.15
C LEU C 256 -29.46 -3.06 45.33
N LYS C 257 -28.32 -3.18 46.01
CA LYS C 257 -28.01 -2.36 47.18
C LYS C 257 -27.01 -1.27 46.81
N HIS C 258 -27.10 -0.14 47.52
CA HIS C 258 -26.19 0.97 47.28
C HIS C 258 -24.78 0.61 47.68
N GLY C 259 -23.82 1.01 46.84
CA GLY C 259 -22.41 0.74 47.09
C GLY C 259 -21.96 -0.68 46.80
N THR C 260 -22.88 -1.58 46.47
CA THR C 260 -22.52 -2.97 46.19
C THR C 260 -22.13 -3.19 44.73
N PHE C 261 -22.51 -2.28 43.84
CA PHE C 261 -22.22 -2.42 42.42
C PHE C 261 -21.75 -1.08 41.88
N THR C 262 -21.48 -1.05 40.57
CA THR C 262 -21.14 0.17 39.86
C THR C 262 -22.25 0.61 38.91
N CYS C 263 -22.75 -0.31 38.07
CA CYS C 263 -23.87 -0.03 37.19
C CYS C 263 -24.55 -1.34 36.85
N ALA C 264 -25.85 -1.26 36.59
CA ALA C 264 -26.66 -2.44 36.30
C ALA C 264 -27.54 -2.18 35.08
N SER C 265 -28.14 -3.25 34.58
CA SER C 265 -28.97 -3.21 33.38
C SER C 265 -30.29 -3.91 33.67
N GLU C 266 -31.38 -3.14 33.72
CA GLU C 266 -32.71 -3.70 33.91
C GLU C 266 -33.32 -4.04 32.55
N TYR C 267 -33.90 -5.24 32.45
CA TYR C 267 -34.54 -5.69 31.22
C TYR C 267 -35.93 -6.21 31.56
N THR C 268 -36.95 -5.54 31.05
CA THR C 268 -38.35 -5.92 31.28
C THR C 268 -38.93 -6.40 29.96
N GLY C 269 -39.21 -7.69 29.86
CA GLY C 269 -39.77 -8.27 28.66
C GLY C 269 -39.30 -9.69 28.48
N ASN C 270 -39.59 -10.23 27.30
CA ASN C 270 -39.25 -11.60 26.95
C ASN C 270 -37.97 -11.60 26.09
N TYR C 271 -37.69 -12.74 25.46
CA TYR C 271 -36.54 -12.86 24.60
C TYR C 271 -36.83 -12.22 23.25
N GLN C 272 -35.82 -11.56 22.69
CA GLN C 272 -35.88 -10.88 21.40
C GLN C 272 -36.81 -9.67 21.40
N CYS C 273 -37.39 -9.31 22.55
CA CYS C 273 -38.28 -8.15 22.62
C CYS C 273 -38.38 -7.70 24.07
N GLY C 274 -37.95 -6.48 24.34
CA GLY C 274 -38.02 -5.96 25.69
C GLY C 274 -37.67 -4.50 25.72
N HIS C 275 -37.38 -4.02 26.94
CA HIS C 275 -37.01 -2.63 27.17
C HIS C 275 -35.89 -2.58 28.19
N TYR C 276 -34.78 -1.92 27.84
CA TYR C 276 -33.63 -1.82 28.72
C TYR C 276 -33.73 -0.57 29.60
N LYS C 277 -32.97 -0.60 30.70
CA LYS C 277 -32.89 0.53 31.61
C LYS C 277 -31.58 0.41 32.40
N HIS C 278 -30.96 1.55 32.66
CA HIS C 278 -29.68 1.60 33.34
C HIS C 278 -29.88 1.96 34.81
N ILE C 279 -29.12 1.29 35.69
CA ILE C 279 -29.19 1.50 37.13
C ILE C 279 -27.77 1.70 37.64
N THR C 280 -27.53 2.85 38.25
CA THR C 280 -26.22 3.17 38.83
C THR C 280 -26.40 3.54 40.30
N SER C 281 -25.35 3.33 41.09
CA SER C 281 -25.42 3.58 42.53
C SER C 281 -25.33 5.07 42.83
N LYS C 282 -24.16 5.65 42.63
CA LYS C 282 -23.89 7.09 42.89
C LYS C 282 -24.23 7.34 44.36
N GLU C 283 -24.88 8.47 44.68
CA GLU C 283 -25.28 8.71 46.07
C GLU C 283 -26.61 8.04 46.40
N THR C 284 -27.48 7.89 45.40
CA THR C 284 -28.73 7.15 45.55
C THR C 284 -29.05 6.50 44.21
N LEU C 285 -29.72 5.35 44.27
CA LEU C 285 -29.95 4.52 43.09
C LEU C 285 -30.68 5.31 42.01
N TYR C 286 -29.97 5.61 40.92
CA TYR C 286 -30.50 6.40 39.81
C TYR C 286 -30.95 5.46 38.70
N CYS C 287 -32.15 5.73 38.16
CA CYS C 287 -32.68 4.97 37.03
C CYS C 287 -32.63 5.88 35.80
N ILE C 288 -31.74 5.54 34.87
CA ILE C 288 -31.54 6.33 33.66
C ILE C 288 -32.22 5.60 32.51
N ASP C 289 -33.36 6.13 32.06
CA ASP C 289 -34.10 5.59 30.93
C ASP C 289 -33.94 6.55 29.75
N GLY C 290 -32.74 6.58 29.20
CA GLY C 290 -32.44 7.51 28.12
C GLY C 290 -32.39 8.94 28.61
N ALA C 291 -33.41 9.72 28.28
CA ALA C 291 -33.49 11.11 28.73
C ALA C 291 -34.12 11.25 30.11
N LEU C 292 -34.87 10.25 30.56
CA LEU C 292 -35.56 10.31 31.84
C LEU C 292 -34.64 9.83 32.97
N LEU C 293 -34.81 10.42 34.14
CA LEU C 293 -34.02 10.10 35.32
C LEU C 293 -34.94 9.89 36.51
N THR C 294 -34.65 8.87 37.31
CA THR C 294 -35.45 8.53 38.48
C THR C 294 -34.53 8.14 39.62
N LYS C 295 -34.76 8.74 40.79
CA LYS C 295 -33.98 8.47 41.98
C LYS C 295 -34.76 7.57 42.94
N SER C 296 -34.02 6.76 43.69
CA SER C 296 -34.61 5.87 44.68
C SER C 296 -33.53 5.42 45.64
N SER C 297 -33.95 5.05 46.85
CA SER C 297 -33.04 4.53 47.87
C SER C 297 -32.83 3.03 47.72
N GLU C 298 -33.88 2.28 47.38
CA GLU C 298 -33.80 0.85 47.18
C GLU C 298 -34.53 0.50 45.89
N TYR C 299 -33.99 -0.45 45.14
CA TYR C 299 -34.54 -0.85 43.85
C TYR C 299 -34.62 -2.37 43.78
N LYS C 300 -35.77 -2.88 43.35
CA LYS C 300 -36.00 -4.31 43.19
C LYS C 300 -36.77 -4.52 41.89
N GLY C 301 -36.09 -5.09 40.89
CA GLY C 301 -36.70 -5.32 39.60
C GLY C 301 -35.94 -6.33 38.77
N PRO C 302 -36.44 -6.62 37.57
CA PRO C 302 -35.79 -7.60 36.69
C PRO C 302 -34.55 -7.02 36.03
N ILE C 303 -33.38 -7.46 36.49
CA ILE C 303 -32.12 -7.04 35.92
C ILE C 303 -31.42 -8.26 35.33
N THR C 304 -30.43 -8.00 34.47
CA THR C 304 -29.75 -9.07 33.77
C THR C 304 -28.25 -8.90 33.64
N ASP C 305 -27.69 -7.73 33.95
CA ASP C 305 -26.26 -7.52 33.83
C ASP C 305 -25.80 -6.52 34.89
N VAL C 306 -24.80 -6.90 35.68
CA VAL C 306 -24.25 -6.06 36.72
C VAL C 306 -22.76 -5.90 36.49
N PHE C 307 -22.23 -4.72 36.78
CA PHE C 307 -20.82 -4.42 36.63
C PHE C 307 -20.25 -4.04 37.99
N TYR C 308 -19.19 -4.75 38.39
CA TYR C 308 -18.53 -4.51 39.67
C TYR C 308 -17.12 -3.99 39.44
N LYS C 309 -16.62 -3.24 40.43
CA LYS C 309 -15.27 -2.71 40.39
C LYS C 309 -14.30 -3.75 40.95
N GLU C 310 -13.09 -3.77 40.38
CA GLU C 310 -12.12 -4.80 40.74
C GLU C 310 -10.71 -4.27 40.51
N ASN C 311 -9.77 -4.73 41.34
CA ASN C 311 -8.36 -4.41 41.18
C ASN C 311 -7.54 -5.69 41.11
N SER C 312 -7.43 -6.40 42.24
CA SER C 312 -6.67 -7.64 42.30
C SER C 312 -7.31 -8.54 43.34
N TYR C 313 -7.80 -9.70 42.92
CA TYR C 313 -8.49 -10.64 43.79
C TYR C 313 -7.67 -11.91 43.93
N THR C 314 -7.64 -12.45 45.15
CA THR C 314 -7.03 -13.75 45.44
C THR C 314 -7.90 -14.44 46.49
N THR C 315 -8.43 -15.60 46.14
CA THR C 315 -9.39 -16.26 47.01
C THR C 315 -8.70 -16.80 48.27
N THR C 316 -9.51 -17.03 49.30
CA THR C 316 -9.03 -17.61 50.55
C THR C 316 -9.09 -19.14 50.55
N ILE C 317 -9.65 -19.74 49.50
CA ILE C 317 -9.77 -21.19 49.43
C ILE C 317 -8.50 -21.78 48.82
N THR D 7 22.93 -20.82 1.59
CA THR D 7 21.55 -20.43 1.86
C THR D 7 20.57 -21.16 0.94
N ILE D 8 19.36 -21.39 1.43
CA ILE D 8 18.32 -22.04 0.65
C ILE D 8 17.21 -21.04 0.37
N LYS D 9 16.43 -21.34 -0.67
CA LYS D 9 15.32 -20.48 -1.09
C LYS D 9 14.01 -21.08 -0.58
N VAL D 10 13.27 -20.29 0.20
CA VAL D 10 11.97 -20.68 0.71
C VAL D 10 11.00 -19.53 0.51
N PHE D 11 9.70 -19.84 0.62
CA PHE D 11 8.64 -18.86 0.47
C PHE D 11 7.96 -18.64 1.82
N THR D 12 7.74 -17.37 2.15
CA THR D 12 7.07 -16.97 3.39
C THR D 12 5.74 -16.35 3.06
N THR D 13 4.68 -16.78 3.77
CA THR D 13 3.35 -16.26 3.51
C THR D 13 2.52 -16.36 4.77
N VAL D 14 1.36 -15.68 4.75
CA VAL D 14 0.36 -15.78 5.80
C VAL D 14 -0.99 -16.24 5.26
N ASP D 15 -1.08 -16.58 3.98
CA ASP D 15 -2.33 -17.03 3.40
C ASP D 15 -2.17 -17.97 2.22
N ASN D 16 -0.95 -18.38 1.88
CA ASN D 16 -0.65 -19.29 0.77
C ASN D 16 -1.05 -18.68 -0.57
N ILE D 17 -1.55 -17.45 -0.56
CA ILE D 17 -1.93 -16.73 -1.77
C ILE D 17 -0.81 -15.80 -2.24
N ASN D 18 -0.29 -14.98 -1.33
CA ASN D 18 0.80 -14.05 -1.64
C ASN D 18 2.07 -14.57 -0.98
N LEU D 19 2.99 -15.08 -1.79
CA LEU D 19 4.23 -15.64 -1.29
C LEU D 19 5.35 -14.60 -1.31
N HIS D 20 6.27 -14.73 -0.37
CA HIS D 20 7.40 -13.81 -0.24
C HIS D 20 8.69 -14.64 -0.24
N THR D 21 9.51 -14.44 -1.28
CA THR D 21 10.75 -15.20 -1.42
C THR D 21 11.74 -14.78 -0.35
N GLN D 22 12.21 -15.74 0.45
CA GLN D 22 13.13 -15.49 1.54
C GLN D 22 14.29 -16.48 1.47
N VAL D 23 15.50 -15.99 1.74
CA VAL D 23 16.68 -16.83 1.86
C VAL D 23 17.02 -16.98 3.34
N VAL D 24 17.39 -18.19 3.75
CA VAL D 24 17.65 -18.48 5.16
C VAL D 24 19.02 -19.14 5.29
N ASP D 25 19.54 -19.10 6.52
CA ASP D 25 20.80 -19.76 6.84
C ASP D 25 20.52 -21.16 7.36
N MET D 26 21.33 -22.12 6.91
CA MET D 26 21.14 -23.51 7.31
C MET D 26 21.43 -23.75 8.79
N SER D 27 22.14 -22.85 9.45
CA SER D 27 22.52 -23.04 10.85
C SER D 27 21.43 -22.61 11.83
N MET D 28 20.79 -21.47 11.58
CA MET D 28 19.80 -20.95 12.50
C MET D 28 18.43 -21.60 12.26
N THR D 29 17.68 -21.75 13.35
CA THR D 29 16.35 -22.33 13.25
C THR D 29 15.39 -21.35 12.56
N TYR D 30 14.32 -21.91 11.99
CA TYR D 30 13.28 -21.07 11.40
C TYR D 30 12.70 -20.11 12.43
N GLY D 31 12.49 -20.58 13.65
CA GLY D 31 11.93 -19.75 14.70
C GLY D 31 12.83 -18.60 15.12
N GLN D 32 14.10 -18.64 14.73
CA GLN D 32 15.02 -17.56 15.05
C GLN D 32 15.02 -16.47 13.97
N GLN D 33 14.88 -16.86 12.71
CA GLN D 33 14.90 -15.92 11.59
C GLN D 33 13.51 -15.40 11.25
N PHE D 34 12.49 -16.26 11.31
CA PHE D 34 11.14 -15.90 10.94
C PHE D 34 10.17 -15.77 12.12
N GLY D 35 10.48 -16.38 13.26
CA GLY D 35 9.53 -16.48 14.34
C GLY D 35 8.79 -17.80 14.27
N PRO D 36 7.63 -17.89 14.93
CA PRO D 36 6.78 -19.09 14.80
C PRO D 36 6.51 -19.43 13.34
N THR D 37 7.04 -20.58 12.90
CA THR D 37 6.99 -20.99 11.51
C THR D 37 6.37 -22.37 11.40
N TYR D 38 5.56 -22.57 10.37
CA TYR D 38 4.85 -23.82 10.15
C TYR D 38 5.02 -24.27 8.72
N LEU D 39 4.94 -25.58 8.51
CA LEU D 39 5.03 -26.18 7.18
C LEU D 39 3.95 -27.25 7.06
N ASP D 40 2.93 -26.98 6.23
CA ASP D 40 1.79 -27.88 6.05
C ASP D 40 1.11 -28.20 7.37
N GLY D 41 1.09 -27.23 8.29
CA GLY D 41 0.56 -27.43 9.61
C GLY D 41 1.57 -27.87 10.65
N ALA D 42 2.68 -28.48 10.22
CA ALA D 42 3.69 -28.96 11.15
C ALA D 42 4.54 -27.79 11.64
N ASP D 43 4.63 -27.64 12.96
CA ASP D 43 5.42 -26.56 13.54
C ASP D 43 6.90 -26.82 13.31
N VAL D 44 7.56 -25.89 12.63
CA VAL D 44 8.98 -26.03 12.29
C VAL D 44 9.77 -24.89 12.94
N THR D 45 9.32 -24.44 14.11
CA THR D 45 10.01 -23.36 14.79
C THR D 45 11.43 -23.76 15.18
N LYS D 46 11.56 -24.86 15.91
CA LYS D 46 12.85 -25.36 16.37
C LYS D 46 13.53 -26.27 15.36
N ILE D 47 12.95 -26.43 14.17
CA ILE D 47 13.50 -27.31 13.14
C ILE D 47 14.48 -26.52 12.29
N LYS D 48 15.67 -27.08 12.09
CA LYS D 48 16.68 -26.44 11.25
C LYS D 48 16.35 -26.65 9.78
N PRO D 49 16.54 -25.64 8.94
CA PRO D 49 16.21 -25.77 7.52
C PRO D 49 17.04 -26.86 6.85
N HIS D 50 16.35 -27.79 6.19
CA HIS D 50 17.00 -28.87 5.46
C HIS D 50 17.21 -28.47 4.00
N ASN D 51 17.85 -29.36 3.24
CA ASN D 51 18.00 -29.14 1.81
C ASN D 51 16.73 -29.48 1.04
N SER D 52 15.86 -30.33 1.60
CA SER D 52 14.60 -30.66 0.96
C SER D 52 13.56 -29.56 1.09
N HIS D 53 13.79 -28.57 1.95
CA HIS D 53 12.87 -27.44 2.10
C HIS D 53 13.05 -26.38 1.03
N GLU D 54 13.92 -26.61 0.04
CA GLU D 54 14.18 -25.63 -1.00
C GLU D 54 12.92 -25.44 -1.85
N GLY D 55 12.45 -24.20 -1.94
CA GLY D 55 11.28 -23.89 -2.73
C GLY D 55 9.95 -24.14 -2.05
N LYS D 56 9.95 -24.57 -0.79
CA LYS D 56 8.71 -24.84 -0.09
C LYS D 56 8.07 -23.55 0.41
N THR D 57 6.80 -23.66 0.78
CA THR D 57 6.02 -22.53 1.28
C THR D 57 5.77 -22.71 2.77
N PHE D 58 6.24 -21.76 3.57
CA PHE D 58 6.12 -21.82 5.01
C PHE D 58 5.20 -20.71 5.51
N TYR D 59 4.37 -21.04 6.50
CA TYR D 59 3.53 -20.06 7.17
C TYR D 59 4.29 -19.41 8.31
N VAL D 60 4.11 -18.09 8.47
CA VAL D 60 4.72 -17.35 9.55
C VAL D 60 3.66 -16.47 10.20
N LEU D 61 3.93 -16.07 11.44
CA LEU D 61 3.06 -15.12 12.11
C LEU D 61 3.31 -13.72 11.54
N PRO D 62 2.25 -12.90 11.40
CA PRO D 62 2.47 -11.53 10.89
C PRO D 62 3.35 -10.71 11.82
N ASN D 63 4.58 -10.44 11.39
CA ASN D 63 5.53 -9.71 12.22
C ASN D 63 5.51 -8.21 11.96
N ASP D 64 5.31 -7.80 10.71
CA ASP D 64 5.25 -6.39 10.36
C ASP D 64 3.82 -6.01 9.98
N ASP D 65 3.59 -4.70 9.83
CA ASP D 65 2.25 -4.21 9.51
C ASP D 65 1.82 -4.62 8.10
N THR D 66 2.78 -4.85 7.19
CA THR D 66 2.42 -5.26 5.84
C THR D 66 1.86 -6.67 5.82
N LEU D 67 2.33 -7.54 6.70
CA LEU D 67 1.76 -8.89 6.81
C LEU D 67 0.52 -8.93 7.67
N ARG D 68 0.24 -7.88 8.45
CA ARG D 68 -0.99 -7.84 9.24
C ARG D 68 -2.19 -7.42 8.41
N VAL D 69 -1.99 -6.64 7.34
CA VAL D 69 -3.10 -6.34 6.45
C VAL D 69 -3.35 -7.50 5.49
N GLU D 70 -2.30 -8.20 5.06
CA GLU D 70 -2.51 -9.39 4.24
C GLU D 70 -3.27 -10.47 5.00
N ALA D 71 -3.06 -10.56 6.32
CA ALA D 71 -3.76 -11.56 7.11
C ALA D 71 -5.23 -11.21 7.30
N PHE D 72 -5.53 -9.93 7.56
CA PHE D 72 -6.93 -9.54 7.77
C PHE D 72 -7.72 -9.59 6.48
N GLU D 73 -7.10 -9.25 5.35
CA GLU D 73 -7.79 -9.34 4.07
C GLU D 73 -8.23 -10.76 3.74
N TYR D 74 -7.62 -11.77 4.38
CA TYR D 74 -7.93 -13.16 4.11
C TYR D 74 -8.77 -13.80 5.20
N TYR D 75 -8.45 -13.55 6.48
CA TYR D 75 -9.14 -14.20 7.58
C TYR D 75 -10.17 -13.30 8.27
N HIS D 76 -10.11 -11.99 8.04
CA HIS D 76 -11.05 -11.03 8.64
C HIS D 76 -11.04 -11.11 10.17
N THR D 77 -9.84 -11.18 10.74
CA THR D 77 -9.71 -11.21 12.20
C THR D 77 -8.34 -10.68 12.58
N THR D 78 -8.28 -10.02 13.73
CA THR D 78 -7.03 -9.46 14.25
C THR D 78 -6.44 -10.30 15.37
N ASP D 79 -7.02 -11.45 15.67
CA ASP D 79 -6.49 -12.32 16.71
C ASP D 79 -5.11 -12.83 16.34
N PRO D 80 -4.08 -12.55 17.12
CA PRO D 80 -2.73 -13.00 16.73
C PRO D 80 -2.52 -14.50 16.84
N SER D 81 -3.35 -15.20 17.62
CA SER D 81 -3.22 -16.65 17.78
C SER D 81 -3.96 -17.43 16.71
N PHE D 82 -4.75 -16.76 15.87
CA PHE D 82 -5.58 -17.47 14.90
C PHE D 82 -4.74 -18.33 13.96
N LEU D 83 -3.62 -17.80 13.48
CA LEU D 83 -2.81 -18.53 12.52
C LEU D 83 -2.14 -19.74 13.16
N GLY D 84 -1.86 -19.69 14.46
CA GLY D 84 -1.33 -20.86 15.14
C GLY D 84 -2.37 -21.93 15.35
N ARG D 85 -3.57 -21.54 15.78
CA ARG D 85 -4.64 -22.52 15.99
C ARG D 85 -5.07 -23.14 14.68
N TYR D 86 -5.01 -22.39 13.57
CA TYR D 86 -5.39 -22.92 12.27
C TYR D 86 -4.40 -23.96 11.78
N MET D 87 -3.10 -23.71 11.95
CA MET D 87 -2.10 -24.66 11.50
C MET D 87 -2.04 -25.88 12.41
N SER D 88 -2.44 -25.73 13.68
CA SER D 88 -2.48 -26.88 14.58
C SER D 88 -3.56 -27.86 14.14
N ALA D 89 -4.78 -27.36 13.87
CA ALA D 89 -5.84 -28.22 13.38
C ALA D 89 -5.57 -28.72 11.98
N LEU D 90 -4.86 -27.93 11.17
CA LEU D 90 -4.53 -28.35 9.81
C LEU D 90 -3.60 -29.56 9.82
N ASN D 91 -2.66 -29.61 10.77
CA ASN D 91 -1.74 -30.74 10.85
C ASN D 91 -2.48 -32.05 11.14
N HIS D 92 -3.66 -31.99 11.75
CA HIS D 92 -4.46 -33.17 12.01
C HIS D 92 -5.48 -33.43 10.89
N THR D 93 -6.18 -32.38 10.44
CA THR D 93 -7.19 -32.54 9.41
C THR D 93 -6.61 -32.91 8.05
N LYS D 94 -5.32 -32.65 7.83
CA LYS D 94 -4.70 -33.03 6.57
C LYS D 94 -4.45 -34.53 6.48
N LYS D 95 -4.51 -35.25 7.60
CA LYS D 95 -4.36 -36.69 7.59
C LYS D 95 -5.70 -37.44 7.57
N TRP D 96 -6.81 -36.74 7.82
CA TRP D 96 -8.11 -37.37 7.79
C TRP D 96 -8.48 -37.76 6.35
N LYS D 97 -9.29 -38.80 6.24
CA LYS D 97 -9.81 -39.23 4.95
C LYS D 97 -11.18 -38.59 4.72
N TYR D 98 -11.39 -38.07 3.51
CA TYR D 98 -12.62 -37.36 3.16
C TYR D 98 -13.33 -38.11 2.04
N PRO D 99 -14.17 -39.08 2.37
CA PRO D 99 -14.87 -39.84 1.34
C PRO D 99 -16.07 -39.09 0.79
N GLN D 100 -16.34 -39.32 -0.49
CA GLN D 100 -17.48 -38.72 -1.18
C GLN D 100 -18.70 -39.62 -0.95
N VAL D 101 -19.61 -39.17 -0.10
CA VAL D 101 -20.80 -39.95 0.27
C VAL D 101 -22.03 -39.24 -0.27
N ASN D 102 -22.76 -39.91 -1.15
CA ASN D 102 -24.01 -39.40 -1.72
C ASN D 102 -23.80 -38.04 -2.39
N GLY D 103 -22.73 -37.96 -3.18
CA GLY D 103 -22.39 -36.74 -3.89
C GLY D 103 -21.79 -35.64 -3.04
N LEU D 104 -21.82 -35.77 -1.73
CA LEU D 104 -21.28 -34.78 -0.81
C LEU D 104 -19.94 -35.27 -0.25
N THR D 105 -19.20 -34.33 0.35
CA THR D 105 -17.91 -34.61 0.94
C THR D 105 -18.07 -34.78 2.44
N SER D 106 -17.73 -35.96 2.95
CA SER D 106 -17.82 -36.28 4.36
C SER D 106 -16.42 -36.55 4.92
N ILE D 107 -16.37 -36.96 6.19
CA ILE D 107 -15.12 -37.21 6.88
C ILE D 107 -15.20 -38.58 7.54
N LYS D 108 -14.20 -39.43 7.30
CA LYS D 108 -14.09 -40.67 8.07
C LYS D 108 -13.80 -40.33 9.53
N TRP D 109 -14.39 -41.10 10.44
CA TRP D 109 -14.30 -40.78 11.86
C TRP D 109 -12.85 -40.81 12.33
N ALA D 110 -12.42 -39.72 12.96
CA ALA D 110 -11.08 -39.61 13.52
C ALA D 110 -11.01 -38.43 14.48
N ASP D 111 -10.51 -38.66 15.70
CA ASP D 111 -10.33 -37.61 16.69
C ASP D 111 -11.64 -36.90 17.02
N ASN D 112 -12.74 -37.68 17.08
CA ASN D 112 -14.06 -37.18 17.45
C ASN D 112 -14.49 -36.02 16.54
N ASN D 113 -14.67 -36.34 15.26
CA ASN D 113 -15.04 -35.37 14.25
C ASN D 113 -16.47 -35.58 13.73
N CYS D 114 -17.35 -36.10 14.60
CA CYS D 114 -18.72 -36.34 14.17
C CYS D 114 -19.47 -35.03 13.93
N TYR D 115 -19.31 -34.07 14.85
CA TYR D 115 -20.01 -32.79 14.71
C TYR D 115 -19.45 -31.95 13.56
N LEU D 116 -18.19 -32.17 13.18
CA LEU D 116 -17.65 -31.46 12.02
C LEU D 116 -18.17 -32.04 10.71
N ALA D 117 -18.31 -33.37 10.64
CA ALA D 117 -18.84 -33.97 9.41
C ALA D 117 -20.30 -33.61 9.20
N THR D 118 -21.11 -33.63 10.26
CA THR D 118 -22.49 -33.20 10.15
C THR D 118 -22.58 -31.72 9.76
N ALA D 119 -21.64 -30.91 10.23
CA ALA D 119 -21.60 -29.50 9.82
C ALA D 119 -21.12 -29.37 8.38
N LEU D 120 -20.13 -30.16 7.98
CA LEU D 120 -19.59 -30.06 6.63
C LEU D 120 -20.63 -30.47 5.58
N LEU D 121 -21.39 -31.54 5.86
CA LEU D 121 -22.41 -31.98 4.91
C LEU D 121 -23.57 -30.99 4.82
N THR D 122 -23.88 -30.29 5.92
CA THR D 122 -24.96 -29.32 5.91
C THR D 122 -24.62 -28.10 5.07
N LEU D 123 -23.37 -27.62 5.17
CA LEU D 123 -22.96 -26.44 4.42
C LEU D 123 -23.06 -26.66 2.92
N GLN D 124 -22.81 -27.88 2.45
CA GLN D 124 -22.88 -28.21 1.04
C GLN D 124 -24.32 -28.33 0.52
N GLN D 125 -25.32 -28.04 1.36
CA GLN D 125 -26.71 -28.15 0.95
C GLN D 125 -27.53 -26.89 1.20
N ILE D 126 -26.97 -25.87 1.85
CA ILE D 126 -27.66 -24.62 2.10
C ILE D 126 -27.02 -23.54 1.23
N GLU D 127 -27.84 -22.58 0.81
CA GLU D 127 -27.37 -21.45 0.02
C GLU D 127 -26.65 -20.47 0.93
N LEU D 128 -25.32 -20.54 0.95
CA LEU D 128 -24.51 -19.73 1.84
C LEU D 128 -23.28 -19.23 1.09
N LYS D 129 -22.84 -18.03 1.46
CA LYS D 129 -21.64 -17.44 0.88
C LYS D 129 -20.85 -16.76 2.00
N PHE D 130 -19.57 -17.09 2.09
CA PHE D 130 -18.73 -16.58 3.17
C PHE D 130 -18.13 -15.23 2.80
N ASN D 131 -17.78 -14.47 3.83
CA ASN D 131 -17.17 -13.15 3.66
C ASN D 131 -15.64 -13.23 3.63
N PRO D 132 -14.98 -13.90 4.58
CA PRO D 132 -13.51 -13.96 4.53
C PRO D 132 -13.05 -14.83 3.37
N PRO D 133 -12.10 -14.33 2.56
CA PRO D 133 -11.59 -15.15 1.45
C PRO D 133 -10.99 -16.48 1.89
N ALA D 134 -10.55 -16.60 3.15
CA ALA D 134 -10.10 -17.90 3.65
C ALA D 134 -11.25 -18.90 3.65
N LEU D 135 -12.38 -18.52 4.25
CA LEU D 135 -13.55 -19.40 4.22
C LEU D 135 -14.13 -19.55 2.83
N GLN D 136 -13.90 -18.58 1.94
CA GLN D 136 -14.40 -18.69 0.58
C GLN D 136 -13.63 -19.72 -0.22
N ASP D 137 -12.29 -19.64 -0.19
CA ASP D 137 -11.47 -20.58 -0.95
C ASP D 137 -11.61 -22.00 -0.41
N ALA D 138 -11.73 -22.15 0.91
CA ALA D 138 -11.82 -23.48 1.50
C ALA D 138 -13.20 -24.10 1.28
N TYR D 139 -14.26 -23.31 1.43
CA TYR D 139 -15.60 -23.79 1.13
C TYR D 139 -15.72 -24.25 -0.32
N TYR D 140 -14.99 -23.60 -1.23
CA TYR D 140 -15.02 -23.99 -2.63
C TYR D 140 -14.34 -25.34 -2.83
N ARG D 141 -13.15 -25.53 -2.26
CA ARG D 141 -12.43 -26.79 -2.41
C ARG D 141 -13.02 -27.90 -1.55
N ALA D 142 -13.75 -27.55 -0.48
CA ALA D 142 -14.40 -28.58 0.32
C ALA D 142 -15.57 -29.20 -0.44
N ARG D 143 -16.27 -28.41 -1.24
CA ARG D 143 -17.34 -28.95 -2.07
C ARG D 143 -16.81 -29.94 -3.10
N ALA D 144 -15.57 -29.77 -3.53
CA ALA D 144 -14.95 -30.65 -4.50
C ALA D 144 -14.19 -31.82 -3.87
N GLY D 145 -14.10 -31.86 -2.55
CA GLY D 145 -13.44 -32.98 -1.89
C GLY D 145 -12.39 -32.56 -0.87
N GLU D 146 -11.49 -31.67 -1.27
CA GLU D 146 -10.39 -31.24 -0.40
C GLU D 146 -10.95 -30.33 0.69
N ALA D 147 -11.45 -30.95 1.76
CA ALA D 147 -12.01 -30.24 2.89
C ALA D 147 -11.04 -30.18 4.08
N ALA D 148 -9.76 -30.45 3.84
CA ALA D 148 -8.78 -30.42 4.92
C ALA D 148 -8.60 -29.00 5.45
N ASN D 149 -8.27 -28.06 4.56
CA ASN D 149 -8.11 -26.67 4.98
C ASN D 149 -9.41 -26.08 5.51
N PHE D 150 -10.55 -26.59 5.04
CA PHE D 150 -11.83 -26.04 5.47
C PHE D 150 -12.19 -26.45 6.88
N CYS D 151 -12.03 -27.74 7.20
CA CYS D 151 -12.32 -28.20 8.56
C CYS D 151 -11.39 -27.57 9.58
N ALA D 152 -10.14 -27.29 9.19
CA ALA D 152 -9.20 -26.64 10.10
C ALA D 152 -9.58 -25.18 10.34
N LEU D 153 -10.23 -24.54 9.37
CA LEU D 153 -10.63 -23.15 9.54
C LEU D 153 -11.82 -23.02 10.48
N ILE D 154 -12.81 -23.90 10.33
CA ILE D 154 -14.00 -23.84 11.17
C ILE D 154 -13.61 -24.05 12.64
N LEU D 155 -12.65 -24.94 12.90
CA LEU D 155 -12.16 -25.12 14.26
C LEU D 155 -11.54 -23.83 14.78
N ALA D 156 -10.80 -23.12 13.93
CA ALA D 156 -10.16 -21.88 14.35
C ALA D 156 -11.19 -20.78 14.56
N TYR D 157 -12.19 -20.68 13.69
CA TYR D 157 -13.21 -19.65 13.84
C TYR D 157 -14.16 -19.95 14.99
N CYS D 158 -14.28 -21.22 15.40
CA CYS D 158 -15.13 -21.60 16.52
C CYS D 158 -14.36 -21.74 17.83
N ASN D 159 -13.05 -21.46 17.82
CA ASN D 159 -12.21 -21.59 19.01
C ASN D 159 -12.22 -23.01 19.56
N LYS D 160 -12.16 -24.00 18.67
CA LYS D 160 -12.18 -25.41 19.04
C LYS D 160 -10.87 -26.06 18.60
N THR D 161 -10.63 -27.25 19.15
CA THR D 161 -9.40 -28.00 18.91
C THR D 161 -9.75 -29.38 18.38
N VAL D 162 -8.83 -29.96 17.60
CA VAL D 162 -9.00 -31.33 17.13
C VAL D 162 -9.12 -32.27 18.32
N GLY D 163 -10.26 -32.95 18.42
CA GLY D 163 -10.56 -33.82 19.54
C GLY D 163 -11.62 -33.29 20.47
N GLU D 164 -11.90 -31.99 20.42
CA GLU D 164 -12.89 -31.37 21.29
C GLU D 164 -14.30 -31.62 20.76
N LEU D 165 -15.24 -31.76 21.69
CA LEU D 165 -16.64 -31.97 21.35
C LEU D 165 -17.37 -30.64 21.33
N GLY D 166 -18.23 -30.45 20.33
CA GLY D 166 -18.95 -29.21 20.18
C GLY D 166 -20.29 -29.41 19.52
N ASP D 167 -21.19 -28.46 19.77
CA ASP D 167 -22.51 -28.47 19.15
C ASP D 167 -22.41 -27.98 17.70
N VAL D 168 -23.26 -28.54 16.85
CA VAL D 168 -23.28 -28.10 15.45
C VAL D 168 -24.08 -26.82 15.31
N ARG D 169 -25.08 -26.59 16.17
CA ARG D 169 -25.78 -25.31 16.16
C ARG D 169 -24.85 -24.18 16.58
N GLU D 170 -23.99 -24.44 17.57
CA GLU D 170 -22.95 -23.47 17.89
C GLU D 170 -21.98 -23.30 16.74
N THR D 171 -21.68 -24.39 16.03
CA THR D 171 -20.78 -24.31 14.89
C THR D 171 -21.40 -23.50 13.75
N MET D 172 -22.69 -23.71 13.48
CA MET D 172 -23.36 -22.94 12.43
C MET D 172 -23.48 -21.47 12.79
N SER D 173 -23.84 -21.18 14.05
CA SER D 173 -23.97 -19.79 14.47
C SER D 173 -22.64 -19.05 14.41
N TYR D 174 -21.54 -19.75 14.71
CA TYR D 174 -20.22 -19.12 14.58
C TYR D 174 -19.86 -18.91 13.11
N LEU D 175 -20.23 -19.86 12.25
CA LEU D 175 -19.96 -19.70 10.82
C LEU D 175 -20.87 -18.66 10.18
N PHE D 176 -22.09 -18.49 10.70
CA PHE D 176 -23.00 -17.50 10.14
C PHE D 176 -22.52 -16.08 10.40
N GLN D 177 -21.64 -15.88 11.38
CA GLN D 177 -21.08 -14.55 11.63
C GLN D 177 -20.18 -14.10 10.47
N HIS D 178 -19.49 -15.04 9.83
CA HIS D 178 -18.63 -14.74 8.70
C HIS D 178 -19.32 -15.00 7.36
N ALA D 179 -20.65 -14.99 7.34
CA ALA D 179 -21.42 -15.22 6.13
C ALA D 179 -22.24 -13.98 5.80
N ASN D 180 -22.46 -13.75 4.50
CA ASN D 180 -23.18 -12.57 4.04
C ASN D 180 -24.68 -12.84 4.15
N LEU D 181 -25.20 -12.68 5.37
CA LEU D 181 -26.62 -12.83 5.66
C LEU D 181 -27.29 -11.49 5.91
N ASP D 182 -26.84 -10.43 5.21
CA ASP D 182 -27.37 -9.10 5.45
C ASP D 182 -28.81 -8.98 4.98
N SER D 183 -29.11 -9.48 3.78
CA SER D 183 -30.46 -9.37 3.23
C SER D 183 -31.47 -10.26 3.92
N CYS D 184 -31.04 -11.10 4.87
CA CYS D 184 -31.97 -11.97 5.56
C CYS D 184 -32.79 -11.18 6.58
N LYS D 185 -34.10 -11.40 6.58
CA LYS D 185 -35.01 -10.68 7.47
C LYS D 185 -36.14 -11.59 7.88
N ARG D 186 -36.51 -11.54 9.16
CA ARG D 186 -37.59 -12.36 9.71
C ARG D 186 -38.51 -11.48 10.51
N VAL D 187 -39.77 -11.39 10.10
CA VAL D 187 -40.80 -10.63 10.81
C VAL D 187 -41.59 -11.58 11.69
N LEU D 188 -41.75 -11.22 12.96
CA LEU D 188 -42.44 -12.06 13.93
C LEU D 188 -43.54 -11.27 14.61
N ASN D 189 -44.50 -12.00 15.19
CA ASN D 189 -45.57 -11.42 15.97
C ASN D 189 -45.96 -12.39 17.07
N VAL D 190 -46.03 -11.89 18.30
CA VAL D 190 -46.33 -12.72 19.47
C VAL D 190 -47.59 -12.17 20.13
N VAL D 191 -48.66 -12.95 20.10
CA VAL D 191 -49.92 -12.56 20.71
C VAL D 191 -50.00 -13.15 22.11
N CYS D 192 -50.53 -12.36 23.05
CA CYS D 192 -50.67 -12.78 24.44
C CYS D 192 -52.08 -12.43 24.91
N LYS D 193 -52.57 -13.19 25.90
CA LYS D 193 -53.93 -13.01 26.38
C LYS D 193 -54.04 -11.78 27.28
N THR D 194 -53.26 -11.75 28.36
CA THR D 194 -53.27 -10.62 29.29
C THR D 194 -52.50 -9.42 28.76
N CYS D 195 -51.94 -9.50 27.57
CA CYS D 195 -51.06 -8.46 27.06
C CYS D 195 -51.54 -7.97 25.70
N GLY D 196 -50.81 -8.30 24.64
CA GLY D 196 -51.19 -7.88 23.30
C GLY D 196 -50.16 -8.35 22.29
N GLN D 197 -50.56 -8.30 21.03
CA GLN D 197 -49.67 -8.69 19.93
C GLN D 197 -48.47 -7.75 19.87
N GLN D 198 -47.30 -8.31 19.57
CA GLN D 198 -46.06 -7.56 19.51
C GLN D 198 -45.27 -7.99 18.29
N GLN D 199 -45.03 -7.04 17.38
CA GLN D 199 -44.27 -7.34 16.16
C GLN D 199 -42.78 -7.22 16.43
N THR D 200 -42.01 -8.18 15.91
CA THR D 200 -40.57 -8.22 16.08
C THR D 200 -39.92 -8.51 14.74
N THR D 201 -38.91 -7.72 14.39
CA THR D 201 -38.18 -7.87 13.13
C THR D 201 -36.75 -8.26 13.43
N LEU D 202 -36.31 -9.38 12.86
CA LEU D 202 -34.96 -9.89 13.06
C LEU D 202 -34.22 -9.87 11.73
N LYS D 203 -32.93 -9.51 11.78
CA LYS D 203 -32.10 -9.43 10.59
C LYS D 203 -30.78 -10.14 10.82
N GLY D 204 -30.27 -10.80 9.78
CA GLY D 204 -29.00 -11.49 9.85
C GLY D 204 -29.09 -12.92 10.35
N VAL D 205 -28.19 -13.30 11.26
CA VAL D 205 -28.17 -14.67 11.77
C VAL D 205 -29.44 -14.98 12.56
N GLU D 206 -29.99 -13.99 13.27
CA GLU D 206 -31.21 -14.22 14.03
C GLU D 206 -32.40 -14.49 13.11
N ALA D 207 -32.36 -13.98 11.88
CA ALA D 207 -33.45 -14.17 10.93
C ALA D 207 -33.42 -15.54 10.27
N VAL D 208 -32.33 -16.30 10.42
CA VAL D 208 -32.19 -17.61 9.81
C VAL D 208 -32.08 -18.72 10.84
N MET D 209 -32.02 -18.39 12.13
CA MET D 209 -31.87 -19.38 13.18
C MET D 209 -33.02 -19.27 14.19
N TYR D 210 -33.31 -20.40 14.85
CA TYR D 210 -34.35 -20.46 15.84
C TYR D 210 -34.16 -21.72 16.68
N MET D 211 -34.47 -21.62 17.97
CA MET D 211 -34.34 -22.74 18.90
C MET D 211 -35.68 -22.99 19.57
N GLY D 212 -36.03 -24.26 19.71
CA GLY D 212 -37.26 -24.64 20.39
C GLY D 212 -38.18 -25.50 19.55
N THR D 213 -38.28 -25.19 18.26
CA THR D 213 -39.17 -25.89 17.34
C THR D 213 -38.36 -26.48 16.20
N LEU D 214 -38.66 -27.74 15.86
CA LEU D 214 -38.03 -28.38 14.70
C LEU D 214 -38.85 -28.24 13.44
N SER D 215 -40.18 -28.23 13.56
CA SER D 215 -41.06 -28.17 12.40
C SER D 215 -41.14 -26.74 11.88
N TYR D 216 -40.78 -26.55 10.61
CA TYR D 216 -40.92 -25.24 9.99
C TYR D 216 -42.39 -24.86 9.83
N GLU D 217 -43.24 -25.83 9.53
CA GLU D 217 -44.67 -25.55 9.37
C GLU D 217 -45.31 -25.17 10.70
N GLN D 218 -44.81 -25.71 11.81
CA GLN D 218 -45.36 -25.34 13.12
C GLN D 218 -45.04 -23.91 13.48
N PHE D 219 -43.86 -23.41 13.07
CA PHE D 219 -43.51 -22.01 13.31
C PHE D 219 -44.43 -21.09 12.52
N LYS D 220 -44.67 -21.40 11.24
CA LYS D 220 -45.57 -20.58 10.44
C LYS D 220 -46.99 -20.61 10.99
N LYS D 221 -47.36 -21.68 11.68
CA LYS D 221 -48.71 -21.79 12.27
C LYS D 221 -48.78 -21.06 13.61
N GLY D 222 -48.02 -21.52 14.59
CA GLY D 222 -48.01 -20.87 15.90
C GLY D 222 -47.44 -21.73 17.01
N VAL D 223 -46.17 -21.48 17.36
CA VAL D 223 -45.52 -22.20 18.45
C VAL D 223 -45.96 -21.58 19.77
N GLN D 224 -45.71 -22.27 20.87
CA GLN D 224 -46.09 -21.82 22.20
C GLN D 224 -44.83 -21.44 22.97
N ILE D 225 -44.69 -20.16 23.28
CA ILE D 225 -43.51 -19.66 23.98
C ILE D 225 -43.95 -19.01 25.29
N PRO D 226 -43.15 -19.09 26.35
CA PRO D 226 -43.52 -18.43 27.61
C PRO D 226 -43.40 -16.91 27.48
N CYS D 227 -44.14 -16.21 28.34
CA CYS D 227 -44.05 -14.76 28.43
C CYS D 227 -43.68 -14.36 29.85
N THR D 228 -43.51 -13.05 30.06
CA THR D 228 -43.00 -12.54 31.32
C THR D 228 -44.07 -12.42 32.40
N CYS D 229 -45.34 -12.35 32.02
CA CYS D 229 -46.45 -12.25 32.97
C CYS D 229 -47.00 -13.62 33.37
N GLY D 230 -46.18 -14.67 33.26
CA GLY D 230 -46.58 -15.99 33.71
C GLY D 230 -47.72 -16.63 32.93
N LYS D 231 -47.60 -16.65 31.60
CA LYS D 231 -48.59 -17.29 30.75
C LYS D 231 -47.92 -17.80 29.49
N GLN D 232 -48.71 -18.39 28.61
CA GLN D 232 -48.24 -18.92 27.34
C GLN D 232 -48.72 -18.01 26.20
N ALA D 233 -47.83 -17.75 25.26
CA ALA D 233 -48.12 -16.90 24.11
C ALA D 233 -47.87 -17.66 22.82
N THR D 234 -48.55 -17.24 21.76
CA THR D 234 -48.45 -17.88 20.45
C THR D 234 -47.50 -17.07 19.57
N LYS D 235 -46.30 -17.61 19.32
CA LYS D 235 -45.32 -16.98 18.46
C LYS D 235 -45.44 -17.58 17.06
N TYR D 236 -46.10 -16.86 16.16
CA TYR D 236 -46.29 -17.29 14.80
C TYR D 236 -45.50 -16.40 13.85
N LEU D 237 -44.88 -17.00 12.86
CA LEU D 237 -44.05 -16.27 11.91
C LEU D 237 -44.93 -15.50 10.92
N VAL D 238 -44.54 -14.25 10.65
CA VAL D 238 -45.31 -13.38 9.77
C VAL D 238 -44.67 -13.36 8.38
N GLN D 239 -43.39 -13.00 8.32
CA GLN D 239 -42.68 -12.88 7.05
C GLN D 239 -41.26 -13.39 7.22
N GLN D 240 -40.77 -14.09 6.20
CA GLN D 240 -39.42 -14.65 6.22
C GLN D 240 -38.78 -14.44 4.85
N GLU D 241 -37.62 -13.79 4.83
CA GLU D 241 -36.87 -13.51 3.60
C GLU D 241 -35.43 -13.99 3.83
N SER D 242 -35.13 -15.22 3.42
CA SER D 242 -33.80 -15.78 3.60
C SER D 242 -33.63 -16.95 2.65
N PRO D 243 -32.41 -17.26 2.23
CA PRO D 243 -32.20 -18.43 1.35
C PRO D 243 -32.38 -19.76 2.07
N PHE D 244 -32.36 -19.77 3.40
CA PHE D 244 -32.56 -21.00 4.15
C PHE D 244 -33.00 -20.64 5.56
N VAL D 245 -33.60 -21.62 6.24
CA VAL D 245 -34.06 -21.47 7.62
C VAL D 245 -33.51 -22.62 8.44
N MET D 246 -33.08 -22.33 9.66
CA MET D 246 -32.59 -23.34 10.59
C MET D 246 -33.54 -23.45 11.77
N MET D 247 -34.00 -24.66 12.05
CA MET D 247 -34.91 -24.93 13.16
C MET D 247 -34.26 -25.95 14.08
N SER D 248 -34.00 -25.55 15.32
CA SER D 248 -33.32 -26.39 16.29
C SER D 248 -34.20 -26.63 17.51
N ALA D 249 -33.90 -27.71 18.22
CA ALA D 249 -34.62 -28.08 19.43
C ALA D 249 -33.80 -29.13 20.17
N PRO D 250 -34.04 -29.32 21.46
CA PRO D 250 -33.36 -30.40 22.19
C PRO D 250 -33.61 -31.74 21.53
N PRO D 251 -32.62 -32.65 21.53
CA PRO D 251 -32.77 -33.92 20.82
C PRO D 251 -33.94 -34.76 21.31
N ALA D 252 -35.00 -34.83 20.50
CA ALA D 252 -36.18 -35.61 20.82
C ALA D 252 -36.58 -36.43 19.60
N GLN D 253 -37.52 -37.35 19.81
CA GLN D 253 -38.00 -38.20 18.72
C GLN D 253 -38.82 -37.37 17.74
N TYR D 254 -38.41 -37.36 16.48
CA TYR D 254 -39.06 -36.57 15.45
C TYR D 254 -39.25 -37.40 14.20
N GLU D 255 -40.30 -37.08 13.44
CA GLU D 255 -40.65 -37.80 12.22
C GLU D 255 -40.25 -36.93 11.03
N LEU D 256 -39.27 -37.41 10.26
CA LEU D 256 -38.78 -36.69 9.09
C LEU D 256 -39.45 -37.26 7.85
N LYS D 257 -40.26 -36.43 7.18
CA LYS D 257 -40.95 -36.82 5.97
C LYS D 257 -40.15 -36.39 4.75
N HIS D 258 -40.20 -37.22 3.70
CA HIS D 258 -39.47 -36.91 2.48
C HIS D 258 -40.09 -35.71 1.76
N GLY D 259 -39.23 -34.82 1.28
CA GLY D 259 -39.67 -33.65 0.54
C GLY D 259 -40.13 -32.49 1.38
N THR D 260 -40.14 -32.62 2.71
CA THR D 260 -40.57 -31.56 3.60
C THR D 260 -39.40 -30.82 4.24
N PHE D 261 -38.17 -31.26 4.01
CA PHE D 261 -37.00 -30.64 4.60
C PHE D 261 -35.81 -30.83 3.68
N THR D 262 -34.77 -30.03 3.91
CA THR D 262 -33.53 -30.14 3.13
C THR D 262 -32.58 -31.16 3.75
N CYS D 263 -32.17 -30.93 4.99
CA CYS D 263 -31.33 -31.87 5.72
C CYS D 263 -31.60 -31.71 7.21
N ALA D 264 -31.06 -32.63 8.00
CA ALA D 264 -31.28 -32.61 9.44
C ALA D 264 -30.09 -33.23 10.16
N SER D 265 -29.96 -32.90 11.44
CA SER D 265 -28.89 -33.40 12.29
C SER D 265 -29.48 -34.27 13.38
N GLU D 266 -28.89 -35.44 13.60
CA GLU D 266 -29.35 -36.39 14.59
C GLU D 266 -28.30 -36.52 15.68
N TYR D 267 -28.72 -36.39 16.94
CA TYR D 267 -27.82 -36.47 18.09
C TYR D 267 -28.22 -37.67 18.93
N THR D 268 -27.30 -38.64 19.05
CA THR D 268 -27.51 -39.85 19.84
C THR D 268 -26.44 -39.89 20.93
N GLY D 269 -26.86 -39.70 22.18
CA GLY D 269 -25.94 -39.73 23.29
C GLY D 269 -26.40 -38.76 24.37
N ASN D 270 -25.48 -38.48 25.29
CA ASN D 270 -25.78 -37.60 26.42
C ASN D 270 -25.42 -36.16 26.08
N TYR D 271 -25.91 -35.25 26.93
CA TYR D 271 -25.57 -33.84 26.80
C TYR D 271 -24.07 -33.66 26.99
N GLN D 272 -23.44 -32.98 26.04
CA GLN D 272 -21.99 -32.75 25.94
C GLN D 272 -21.20 -34.00 25.59
N CYS D 273 -21.86 -35.14 25.35
CA CYS D 273 -21.15 -36.36 24.98
C CYS D 273 -22.13 -37.27 24.21
N GLY D 274 -22.09 -37.16 22.89
CA GLY D 274 -22.96 -37.96 22.06
C GLY D 274 -22.39 -38.14 20.67
N HIS D 275 -23.23 -38.70 19.79
CA HIS D 275 -22.85 -38.96 18.41
C HIS D 275 -23.75 -38.17 17.48
N TYR D 276 -23.19 -37.69 16.38
CA TYR D 276 -23.91 -36.89 15.40
C TYR D 276 -24.05 -37.67 14.09
N LYS D 277 -25.26 -37.73 13.56
CA LYS D 277 -25.55 -38.36 12.29
C LYS D 277 -26.33 -37.39 11.40
N HIS D 278 -25.97 -37.35 10.13
CA HIS D 278 -26.58 -36.43 9.18
C HIS D 278 -27.69 -37.12 8.42
N ILE D 279 -28.84 -36.46 8.32
CA ILE D 279 -30.01 -36.99 7.62
C ILE D 279 -30.36 -36.01 6.50
N THR D 280 -30.11 -36.40 5.27
CA THR D 280 -30.43 -35.58 4.11
C THR D 280 -31.58 -36.20 3.31
N SER D 281 -32.32 -35.35 2.62
CA SER D 281 -33.45 -35.76 1.79
C SER D 281 -33.09 -35.54 0.33
N LYS D 282 -33.05 -36.63 -0.45
CA LYS D 282 -32.70 -36.56 -1.86
C LYS D 282 -33.85 -37.17 -2.65
N GLU D 283 -33.69 -38.40 -3.15
CA GLU D 283 -34.79 -39.20 -3.67
C GLU D 283 -35.51 -39.94 -2.54
N THR D 284 -34.74 -40.59 -1.67
CA THR D 284 -35.22 -41.14 -0.41
C THR D 284 -34.48 -40.43 0.72
N LEU D 285 -34.65 -40.93 1.94
CA LEU D 285 -33.97 -40.37 3.10
C LEU D 285 -32.64 -41.09 3.31
N TYR D 286 -31.55 -40.34 3.25
CA TYR D 286 -30.21 -40.88 3.42
C TYR D 286 -29.65 -40.48 4.78
N CYS D 287 -28.91 -41.40 5.39
CA CYS D 287 -28.27 -41.18 6.68
C CYS D 287 -26.77 -41.36 6.51
N ILE D 288 -26.01 -40.30 6.76
CA ILE D 288 -24.56 -40.31 6.62
C ILE D 288 -23.94 -40.20 8.00
N ASP D 289 -23.20 -41.24 8.40
CA ASP D 289 -22.43 -41.27 9.64
C ASP D 289 -20.96 -41.36 9.24
N GLY D 290 -20.37 -40.23 8.88
CA GLY D 290 -19.01 -40.20 8.40
C GLY D 290 -18.88 -40.85 7.04
N ALA D 291 -18.25 -42.03 7.00
CA ALA D 291 -18.11 -42.79 5.76
C ALA D 291 -19.23 -43.79 5.55
N LEU D 292 -20.00 -44.11 6.59
CA LEU D 292 -21.07 -45.09 6.48
C LEU D 292 -22.36 -44.43 6.03
N LEU D 293 -23.05 -45.10 5.10
CA LEU D 293 -24.29 -44.59 4.52
C LEU D 293 -25.38 -45.64 4.63
N THR D 294 -26.52 -45.25 5.21
CA THR D 294 -27.68 -46.12 5.31
C THR D 294 -28.88 -45.42 4.67
N LYS D 295 -29.71 -46.21 4.00
CA LYS D 295 -30.84 -45.69 3.23
C LYS D 295 -32.15 -46.23 3.78
N SER D 296 -33.14 -45.35 3.90
CA SER D 296 -34.46 -45.74 4.36
C SER D 296 -35.47 -44.75 3.80
N SER D 297 -36.70 -45.23 3.57
CA SER D 297 -37.74 -44.36 3.03
C SER D 297 -38.29 -43.40 4.08
N GLU D 298 -38.27 -43.80 5.35
CA GLU D 298 -38.74 -42.95 6.44
C GLU D 298 -37.79 -43.05 7.62
N TYR D 299 -37.62 -41.93 8.33
CA TYR D 299 -36.72 -41.86 9.46
C TYR D 299 -37.47 -41.34 10.68
N LYS D 300 -37.13 -41.87 11.85
CA LYS D 300 -37.73 -41.44 13.10
C LYS D 300 -36.73 -41.71 14.22
N GLY D 301 -36.16 -40.65 14.77
CA GLY D 301 -35.18 -40.78 15.83
C GLY D 301 -34.87 -39.46 16.50
N PRO D 302 -33.80 -39.43 17.30
CA PRO D 302 -33.44 -38.19 17.99
C PRO D 302 -32.86 -37.15 17.05
N ILE D 303 -33.66 -36.15 16.69
CA ILE D 303 -33.25 -35.08 15.79
C ILE D 303 -33.18 -33.79 16.60
N THR D 304 -32.09 -33.04 16.42
CA THR D 304 -31.91 -31.77 17.12
C THR D 304 -31.97 -30.56 16.21
N ASP D 305 -31.61 -30.70 14.93
CA ASP D 305 -31.60 -29.60 13.99
C ASP D 305 -32.17 -30.05 12.66
N VAL D 306 -33.01 -29.21 12.06
CA VAL D 306 -33.57 -29.46 10.73
C VAL D 306 -33.39 -28.19 9.90
N PHE D 307 -33.13 -28.37 8.60
CA PHE D 307 -32.89 -27.27 7.69
C PHE D 307 -33.92 -27.29 6.56
N TYR D 308 -34.36 -26.10 6.15
CA TYR D 308 -35.40 -25.96 5.14
C TYR D 308 -34.99 -24.90 4.12
N LYS D 309 -35.43 -25.09 2.89
CA LYS D 309 -35.17 -24.14 1.82
C LYS D 309 -36.25 -23.07 1.81
N GLU D 310 -35.81 -21.81 1.65
CA GLU D 310 -36.71 -20.67 1.65
C GLU D 310 -36.24 -19.66 0.62
N ASN D 311 -37.18 -18.89 0.09
CA ASN D 311 -36.86 -17.78 -0.80
C ASN D 311 -37.63 -16.53 -0.39
N SER D 312 -38.94 -16.70 -0.13
CA SER D 312 -39.80 -15.61 0.27
C SER D 312 -41.11 -16.19 0.79
N TYR D 313 -41.59 -15.65 1.90
CA TYR D 313 -42.84 -16.12 2.49
C TYR D 313 -43.49 -14.98 3.27
N THR D 314 -44.81 -14.91 3.18
CA THR D 314 -45.60 -13.93 3.92
C THR D 314 -46.88 -14.61 4.39
N THR D 315 -47.10 -14.61 5.71
CA THR D 315 -48.26 -15.31 6.25
C THR D 315 -49.55 -14.64 5.81
N THR D 316 -50.64 -15.39 5.89
CA THR D 316 -51.97 -14.92 5.52
C THR D 316 -52.87 -14.66 6.71
N ILE D 317 -52.37 -14.86 7.93
CA ILE D 317 -53.16 -14.63 9.13
C ILE D 317 -53.35 -13.13 9.36
#